data_8HZZ
#
_entry.id   8HZZ
#
_cell.length_a   161.159
_cell.length_b   128.676
_cell.length_c   47.564
_cell.angle_alpha   90.00
_cell.angle_beta   91.07
_cell.angle_gamma   90.00
#
_symmetry.space_group_name_H-M   'C 1 2 1'
#
loop_
_entity.id
_entity.type
_entity.pdbx_description
1 polymer apiosyltransferase
2 non-polymer 'SULFATE ION'
3 water water
#
_entity_poly.entity_id   1
_entity_poly.type   'polypeptide(L)'
_entity_poly.pdbx_seq_one_letter_code
;MDAPLLHIAMFPWFAMGHLTPYLHLSNKLAKRGHKISFIVPKRTQTKLQHLNLHPHLITFVPITVPHIDGLPHDAETTSD
VPFSLFTLIATAMDRTEKDIELLLRDLKPQIVFFDFQHWLPNLTRSLGIKSVQYLIVNPITPAYLGNRPKGRDITEADLM
QPPPGFPGSAIKLHSHELRFLISTRKLEFGSGVLFLDRLSIGTRLSDAVAFKGCREIEGPYAEYLETVYGKPFLLSGPLL
PEPSISTLEEKWVAWLGGFKAGSVIYCAYGSESPLQYNQFLELLLGLELTGFPFLAALKPPAGFETIEEALPEGFRERVE
GRGIAYGGWVQQQMILEHPSVGCFITHCGAASITEGLVNTCQLVLLPRLGSDHIMNARLMSTKLKVGVEVEKGEEDGLFT
KESVCKAVKIVMDEENEIGREVRANHTKVRNLLLSNNLESSCVDTFCDRLRGLL
;
_entity_poly.pdbx_strand_id   A,B
#
# COMPACT_ATOMS: atom_id res chain seq x y z
N ALA A 3 26.85 -5.92 -3.12
CA ALA A 3 26.13 -4.76 -3.65
C ALA A 3 27.12 -3.65 -4.03
N PRO A 4 27.67 -3.72 -5.24
CA PRO A 4 28.72 -2.76 -5.64
C PRO A 4 28.27 -1.31 -5.50
N LEU A 5 29.26 -0.44 -5.34
CA LEU A 5 29.03 0.95 -5.00
C LEU A 5 28.99 1.81 -6.27
N LEU A 6 28.07 2.79 -6.29
CA LEU A 6 27.85 3.64 -7.45
C LEU A 6 28.43 5.04 -7.23
N HIS A 7 28.88 5.66 -8.31
CA HIS A 7 29.25 7.08 -8.31
C HIS A 7 28.22 7.79 -9.18
N ILE A 8 27.30 8.50 -8.53
CA ILE A 8 26.23 9.25 -9.20
C ILE A 8 26.54 10.75 -9.13
N ALA A 9 26.26 11.46 -10.22
CA ALA A 9 26.20 12.92 -10.19
C ALA A 9 24.76 13.37 -10.26
N MET A 10 24.46 14.36 -9.43
CA MET A 10 23.14 14.91 -9.20
C MET A 10 23.16 16.28 -9.87
N PHE A 11 22.26 16.52 -10.85
CA PHE A 11 22.27 17.79 -11.59
C PHE A 11 20.84 18.32 -11.75
N PRO A 12 20.27 18.82 -10.67
CA PRO A 12 18.89 19.32 -10.70
C PRO A 12 18.77 20.76 -11.19
N TRP A 13 17.54 21.07 -11.60
CA TRP A 13 17.14 22.39 -12.04
C TRP A 13 17.38 23.41 -10.93
N PHE A 14 17.66 24.66 -11.34
CA PHE A 14 18.11 25.72 -10.42
C PHE A 14 16.94 26.27 -9.61
N ALA A 15 16.43 25.45 -8.71
CA ALA A 15 15.32 25.82 -7.83
C ALA A 15 15.46 25.04 -6.54
N MET A 16 15.25 25.72 -5.41
CA MET A 16 15.39 25.04 -4.11
C MET A 16 14.43 23.87 -4.02
N GLY A 17 13.23 24.00 -4.61
CA GLY A 17 12.29 22.91 -4.71
C GLY A 17 12.80 21.69 -5.45
N HIS A 18 13.87 21.84 -6.24
CA HIS A 18 14.47 20.69 -6.92
C HIS A 18 15.80 20.32 -6.31
N LEU A 19 16.64 21.30 -5.98
CA LEU A 19 17.89 21.02 -5.26
C LEU A 19 17.64 20.23 -3.96
N THR A 20 16.65 20.65 -3.17
CA THR A 20 16.46 20.05 -1.85
C THR A 20 16.00 18.59 -1.95
N PRO A 21 14.98 18.22 -2.73
CA PRO A 21 14.67 16.78 -2.88
C PRO A 21 15.80 15.96 -3.46
N TYR A 22 16.55 16.51 -4.43
CA TYR A 22 17.74 15.81 -4.92
C TYR A 22 18.74 15.53 -3.80
N LEU A 23 18.86 16.47 -2.86
CA LEU A 23 19.84 16.30 -1.79
C LEU A 23 19.36 15.29 -0.75
N HIS A 24 18.06 15.30 -0.41
CA HIS A 24 17.51 14.24 0.44
C HIS A 24 17.76 12.87 -0.16
N LEU A 25 17.42 12.71 -1.44
CA LEU A 25 17.69 11.43 -2.10
C LEU A 25 19.16 11.10 -2.06
N SER A 26 20.01 12.13 -2.21
CA SER A 26 21.45 11.93 -2.13
C SER A 26 21.85 11.37 -0.76
N ASN A 27 21.18 11.81 0.31
CA ASN A 27 21.48 11.27 1.64
C ASN A 27 21.06 9.80 1.76
N LYS A 28 19.91 9.41 1.20
CA LYS A 28 19.52 7.99 1.20
C LYS A 28 20.55 7.15 0.47
N LEU A 29 21.04 7.61 -0.67
CA LEU A 29 21.97 6.80 -1.45
C LEU A 29 23.33 6.73 -0.77
N ALA A 30 23.79 7.86 -0.23
CA ALA A 30 25.06 7.87 0.49
C ALA A 30 25.00 6.95 1.71
N LYS A 31 23.83 6.88 2.36
CA LYS A 31 23.62 5.96 3.47
C LYS A 31 24.01 4.53 3.11
N ARG A 32 23.97 4.18 1.83
CA ARG A 32 24.32 2.84 1.36
C ARG A 32 25.72 2.77 0.76
N GLY A 33 26.57 3.78 0.98
CA GLY A 33 27.92 3.75 0.45
C GLY A 33 28.13 4.42 -0.90
N HIS A 34 27.07 4.82 -1.60
CA HIS A 34 27.25 5.39 -2.94
C HIS A 34 27.86 6.79 -2.86
N LYS A 35 28.79 7.08 -3.76
CA LYS A 35 29.44 8.39 -3.81
C LYS A 35 28.63 9.34 -4.70
N ILE A 36 28.41 10.56 -4.21
CA ILE A 36 27.58 11.56 -4.90
C ILE A 36 28.40 12.81 -5.17
N SER A 37 28.43 13.24 -6.44
CA SER A 37 28.85 14.59 -6.82
C SER A 37 27.61 15.42 -7.06
N PHE A 38 27.40 16.44 -6.25
CA PHE A 38 26.14 17.18 -6.24
C PHE A 38 26.36 18.54 -6.89
N ILE A 39 25.91 18.68 -8.14
CA ILE A 39 26.15 19.91 -8.90
C ILE A 39 25.16 20.97 -8.46
N VAL A 40 25.68 22.13 -8.06
CA VAL A 40 24.84 23.16 -7.43
C VAL A 40 25.36 24.55 -7.82
N PRO A 41 24.49 25.54 -8.00
CA PRO A 41 25.00 26.91 -8.19
C PRO A 41 25.88 27.31 -7.01
N LYS A 42 27.04 27.95 -7.32
CA LYS A 42 28.10 28.11 -6.34
C LYS A 42 27.67 28.88 -5.08
N ARG A 43 26.91 29.95 -5.23
CA ARG A 43 26.54 30.69 -4.02
C ARG A 43 25.42 29.98 -3.27
N THR A 44 24.58 29.25 -4.00
CA THR A 44 23.47 28.51 -3.39
C THR A 44 23.99 27.39 -2.51
N GLN A 45 25.21 26.91 -2.78
CA GLN A 45 25.79 25.83 -1.99
C GLN A 45 25.75 26.10 -0.49
N THR A 46 25.98 27.36 -0.07
CA THR A 46 25.99 27.64 1.37
C THR A 46 24.63 27.40 2.01
N LYS A 47 23.53 27.64 1.27
CA LYS A 47 22.21 27.32 1.80
C LYS A 47 21.99 25.83 2.02
N LEU A 48 22.74 24.97 1.33
CA LEU A 48 22.43 23.54 1.33
C LEU A 48 23.40 22.69 2.13
N GLN A 49 24.60 23.19 2.45
CA GLN A 49 25.63 22.33 3.04
C GLN A 49 25.16 21.67 4.30
N HIS A 50 24.37 22.39 5.11
CA HIS A 50 23.95 21.83 6.40
C HIS A 50 22.99 20.66 6.22
N LEU A 51 22.31 20.55 5.06
CA LEU A 51 21.47 19.38 4.83
C LEU A 51 22.26 18.16 4.37
N ASN A 52 23.56 18.31 4.10
CA ASN A 52 24.38 17.16 3.70
C ASN A 52 24.70 16.32 4.92
N LEU A 53 24.10 15.14 5.04
CA LEU A 53 24.38 14.30 6.19
C LEU A 53 25.47 13.28 5.94
N HIS A 54 26.13 13.31 4.79
CA HIS A 54 27.24 12.39 4.49
C HIS A 54 28.33 13.12 3.77
N PRO A 55 28.99 14.07 4.46
CA PRO A 55 29.98 14.93 3.80
C PRO A 55 31.17 14.16 3.26
N HIS A 56 31.40 12.96 3.76
CA HIS A 56 32.44 12.10 3.23
C HIS A 56 32.09 11.62 1.83
N LEU A 57 30.82 11.34 1.58
CA LEU A 57 30.41 10.72 0.33
C LEU A 57 29.72 11.69 -0.61
N ILE A 58 28.97 12.63 -0.06
CA ILE A 58 28.28 13.65 -0.84
C ILE A 58 29.20 14.87 -0.90
N THR A 59 29.78 15.10 -2.08
CA THR A 59 30.63 16.25 -2.37
C THR A 59 29.91 17.26 -3.28
N PHE A 60 29.87 18.52 -2.85
CA PHE A 60 29.28 19.57 -3.69
C PHE A 60 30.25 19.98 -4.79
N VAL A 61 29.70 20.23 -5.97
CA VAL A 61 30.41 20.64 -7.19
C VAL A 61 29.81 21.98 -7.60
N PRO A 62 30.33 23.11 -7.09
CA PRO A 62 29.68 24.41 -7.36
C PRO A 62 29.94 24.89 -8.78
N ILE A 63 28.93 25.47 -9.40
CA ILE A 63 29.10 25.97 -10.76
C ILE A 63 28.66 27.42 -10.83
N THR A 64 29.22 28.13 -11.82
CA THR A 64 28.76 29.47 -12.13
C THR A 64 27.47 29.39 -12.92
N VAL A 65 26.42 30.02 -12.42
CA VAL A 65 25.22 30.22 -13.23
C VAL A 65 25.45 31.45 -14.13
N PRO A 66 25.53 31.27 -15.44
CA PRO A 66 25.97 32.37 -16.31
C PRO A 66 25.04 33.57 -16.27
N HIS A 67 25.60 34.75 -16.46
CA HIS A 67 24.77 35.94 -16.60
C HIS A 67 24.02 35.91 -17.94
N ILE A 68 22.73 36.21 -17.90
CA ILE A 68 21.91 36.38 -19.10
C ILE A 68 21.28 37.75 -19.02
N ASP A 69 21.20 38.43 -20.17
CA ASP A 69 20.64 39.77 -20.19
C ASP A 69 19.20 39.74 -19.67
N GLY A 70 18.90 40.62 -18.70
CA GLY A 70 17.63 40.60 -18.01
C GLY A 70 17.71 40.02 -16.61
N LEU A 71 18.67 39.14 -16.33
CA LEU A 71 18.81 38.57 -15.00
C LEU A 71 19.50 39.56 -14.07
N PRO A 72 19.04 39.69 -12.83
CA PRO A 72 19.75 40.54 -11.88
C PRO A 72 21.13 39.99 -11.59
N HIS A 73 21.96 40.86 -11.03
CA HIS A 73 23.33 40.53 -10.64
C HIS A 73 23.38 39.27 -9.77
N ASP A 74 24.27 38.35 -10.10
CA ASP A 74 24.53 37.14 -9.32
C ASP A 74 23.33 36.19 -9.21
N ALA A 75 22.29 36.37 -10.05
CA ALA A 75 21.12 35.48 -10.00
C ALA A 75 21.56 34.06 -10.30
N GLU A 76 21.02 33.10 -9.54
CA GLU A 76 21.39 31.69 -9.59
C GLU A 76 20.20 30.73 -9.70
N THR A 77 19.10 31.03 -9.01
CA THR A 77 17.98 30.10 -8.89
C THR A 77 16.68 30.88 -8.98
N THR A 78 15.57 30.16 -9.03
CA THR A 78 14.28 30.81 -9.09
C THR A 78 14.01 31.66 -7.85
N SER A 79 14.75 31.46 -6.76
CA SER A 79 14.61 32.34 -5.59
C SER A 79 15.04 33.77 -5.87
N ASP A 80 15.84 34.02 -6.90
CA ASP A 80 16.39 35.36 -7.15
C ASP A 80 15.59 36.20 -8.14
N VAL A 81 14.49 35.69 -8.69
CA VAL A 81 13.80 36.37 -9.80
C VAL A 81 12.30 36.19 -9.69
N PRO A 82 11.48 37.07 -10.29
CA PRO A 82 10.05 36.76 -10.46
C PRO A 82 9.81 35.66 -11.48
N PHE A 83 8.59 35.12 -11.43
CA PHE A 83 8.19 34.05 -12.34
C PHE A 83 8.52 34.37 -13.79
N SER A 84 8.28 35.61 -14.22
CA SER A 84 8.49 36.02 -15.61
C SER A 84 9.93 35.84 -16.08
N LEU A 85 10.87 35.63 -15.17
CA LEU A 85 12.27 35.48 -15.52
C LEU A 85 12.77 34.06 -15.38
N PHE A 86 11.91 33.11 -14.99
CA PHE A 86 12.37 31.72 -14.86
C PHE A 86 12.99 31.24 -16.17
N THR A 87 12.43 31.70 -17.30
CA THR A 87 12.93 31.27 -18.61
C THR A 87 14.40 31.67 -18.82
N LEU A 88 14.84 32.79 -18.24
CA LEU A 88 16.26 33.17 -18.35
C LEU A 88 17.16 32.33 -17.43
N ILE A 89 16.66 31.96 -16.24
CA ILE A 89 17.39 30.94 -15.45
C ILE A 89 17.58 29.67 -16.27
N ALA A 90 16.54 29.25 -17.01
CA ALA A 90 16.67 28.06 -17.86
C ALA A 90 17.70 28.28 -18.97
N THR A 91 17.71 29.48 -19.56
CA THR A 91 18.72 29.77 -20.56
C THR A 91 20.12 29.70 -19.96
N ALA A 92 20.28 30.34 -18.78
CA ALA A 92 21.58 30.27 -18.07
C ALA A 92 22.01 28.82 -17.86
N MET A 93 21.10 27.97 -17.36
CA MET A 93 21.37 26.54 -17.19
C MET A 93 21.81 25.86 -18.50
N ASP A 94 21.09 26.13 -19.60
CA ASP A 94 21.52 25.59 -20.89
C ASP A 94 22.94 26.02 -21.21
N ARG A 95 23.31 27.26 -20.85
CA ARG A 95 24.64 27.71 -21.21
C ARG A 95 25.73 27.08 -20.35
N THR A 96 25.39 26.34 -19.31
CA THR A 96 26.44 25.65 -18.55
C THR A 96 26.93 24.37 -19.20
N GLU A 97 26.36 23.93 -20.33
CA GLU A 97 26.65 22.59 -20.84
C GLU A 97 28.15 22.31 -20.96
N LYS A 98 28.92 23.28 -21.48
CA LYS A 98 30.33 23.04 -21.70
C LYS A 98 31.09 22.89 -20.38
N ASP A 99 30.72 23.68 -19.36
CA ASP A 99 31.20 23.46 -17.99
C ASP A 99 30.86 22.05 -17.49
N ILE A 100 29.61 21.62 -17.68
CA ILE A 100 29.19 20.29 -17.22
C ILE A 100 30.03 19.22 -17.89
N GLU A 101 30.31 19.40 -19.18
CA GLU A 101 31.06 18.38 -19.92
C GLU A 101 32.46 18.21 -19.33
N LEU A 102 33.14 19.33 -19.06
CA LEU A 102 34.40 19.28 -18.32
C LEU A 102 34.25 18.50 -17.02
N LEU A 103 33.28 18.88 -16.19
CA LEU A 103 33.11 18.20 -14.91
C LEU A 103 32.84 16.72 -15.10
N LEU A 104 31.98 16.36 -16.07
CA LEU A 104 31.69 14.95 -16.28
C LEU A 104 32.91 14.20 -16.80
N ARG A 105 33.76 14.86 -17.59
CA ARG A 105 34.95 14.19 -18.11
C ARG A 105 35.96 13.89 -17.02
N ASP A 106 36.11 14.81 -16.05
CA ASP A 106 37.09 14.61 -14.98
C ASP A 106 36.55 13.78 -13.82
N LEU A 107 35.32 14.03 -13.39
CA LEU A 107 34.76 13.26 -12.28
C LEU A 107 34.31 11.86 -12.70
N LYS A 108 33.96 11.66 -13.96
CA LYS A 108 33.53 10.35 -14.47
C LYS A 108 32.53 9.61 -13.57
N PRO A 109 31.38 10.21 -13.27
CA PRO A 109 30.35 9.44 -12.58
C PRO A 109 29.81 8.37 -13.53
N GLN A 110 29.18 7.36 -12.95
CA GLN A 110 28.60 6.30 -13.78
C GLN A 110 27.21 6.67 -14.25
N ILE A 111 26.50 7.48 -13.48
CA ILE A 111 25.12 7.86 -13.75
C ILE A 111 24.98 9.34 -13.38
N VAL A 112 24.26 10.09 -14.20
CA VAL A 112 23.85 11.46 -13.89
C VAL A 112 22.34 11.49 -13.75
N PHE A 113 21.85 12.03 -12.63
CA PHE A 113 20.44 12.38 -12.45
C PHE A 113 20.20 13.81 -12.94
N PHE A 114 19.20 14.00 -13.79
CA PHE A 114 18.90 15.33 -14.33
C PHE A 114 17.39 15.49 -14.40
N ASP A 115 16.91 16.71 -14.62
CA ASP A 115 15.49 16.87 -14.92
C ASP A 115 15.26 17.73 -16.16
N PHE A 116 15.63 19.01 -16.13
CA PHE A 116 15.25 19.92 -17.20
C PHE A 116 16.29 20.05 -18.30
N GLN A 117 17.44 19.41 -18.19
CA GLN A 117 18.52 19.59 -19.16
C GLN A 117 18.32 18.62 -20.33
N HIS A 118 17.55 19.04 -21.33
CA HIS A 118 17.19 18.12 -22.42
C HIS A 118 18.43 17.64 -23.16
N TRP A 119 19.49 18.47 -23.18
CA TRP A 119 20.77 18.15 -23.80
C TRP A 119 21.66 17.23 -22.97
N LEU A 120 21.29 16.95 -21.72
CA LEU A 120 22.13 16.11 -20.86
C LEU A 120 22.27 14.68 -21.39
N PRO A 121 21.20 13.96 -21.76
CA PRO A 121 21.37 12.56 -22.21
C PRO A 121 22.38 12.36 -23.33
N ASN A 122 22.45 13.25 -24.33
CA ASN A 122 23.45 13.11 -25.40
C ASN A 122 24.85 13.31 -24.85
N LEU A 123 25.02 14.29 -23.96
CA LEU A 123 26.32 14.54 -23.33
C LEU A 123 26.79 13.31 -22.55
N THR A 124 25.96 12.79 -21.64
CA THR A 124 26.37 11.62 -20.89
C THR A 124 26.56 10.40 -21.78
N ARG A 125 25.65 10.16 -22.74
CA ARG A 125 25.80 9.00 -23.62
C ARG A 125 27.11 9.04 -24.38
N SER A 126 27.54 10.24 -24.81
CA SER A 126 28.80 10.39 -25.53
C SER A 126 30.03 10.07 -24.68
N LEU A 127 29.89 10.07 -23.35
CA LEU A 127 31.00 9.70 -22.46
C LEU A 127 30.82 8.32 -21.84
N GLY A 128 29.81 7.55 -22.28
CA GLY A 128 29.54 6.28 -21.66
C GLY A 128 28.90 6.37 -20.30
N ILE A 129 28.27 7.49 -19.98
CA ILE A 129 27.65 7.72 -18.68
C ILE A 129 26.14 7.53 -18.83
N LYS A 130 25.51 6.90 -17.85
CA LYS A 130 24.06 6.70 -17.94
C LYS A 130 23.33 7.92 -17.37
N SER A 131 22.11 8.12 -17.88
CA SER A 131 21.30 9.26 -17.47
C SER A 131 19.96 8.76 -16.95
N VAL A 132 19.56 9.32 -15.82
CA VAL A 132 18.27 9.08 -15.20
C VAL A 132 17.58 10.44 -15.11
N GLN A 133 16.43 10.57 -15.75
CA GLN A 133 15.68 11.82 -15.60
C GLN A 133 14.91 11.72 -14.30
N TYR A 134 15.45 12.29 -13.22
CA TYR A 134 14.81 12.20 -11.91
C TYR A 134 13.91 13.41 -11.73
N LEU A 135 12.61 13.19 -11.77
CA LEU A 135 11.63 14.26 -11.73
C LEU A 135 11.00 14.41 -10.35
N ILE A 136 10.75 15.68 -9.97
CA ILE A 136 10.26 16.03 -8.65
C ILE A 136 8.73 15.93 -8.54
N VAL A 137 8.01 15.91 -9.66
CA VAL A 137 6.56 15.83 -9.63
C VAL A 137 6.09 14.43 -9.21
N ASN A 138 4.81 14.32 -8.89
CA ASN A 138 4.16 13.03 -8.75
C ASN A 138 3.88 12.43 -10.14
N PRO A 139 4.17 11.14 -10.36
CA PRO A 139 3.98 10.57 -11.71
C PRO A 139 2.56 10.69 -12.23
N ILE A 140 1.59 10.89 -11.34
CA ILE A 140 0.22 11.11 -11.77
C ILE A 140 0.12 12.37 -12.63
N THR A 141 1.05 13.32 -12.44
CA THR A 141 0.92 14.61 -13.12
C THR A 141 1.25 14.48 -14.60
N PRO A 142 2.42 13.99 -15.00
CA PRO A 142 2.60 13.70 -16.45
C PRO A 142 1.69 12.59 -16.96
N ALA A 143 1.30 11.63 -16.13
CA ALA A 143 0.46 10.54 -16.66
C ALA A 143 -0.90 11.05 -17.09
N TYR A 144 -1.52 11.90 -16.26
CA TYR A 144 -2.83 12.42 -16.57
C TYR A 144 -2.78 13.59 -17.57
N LEU A 145 -1.77 14.47 -17.46
CA LEU A 145 -1.84 15.68 -18.26
C LEU A 145 -1.29 15.50 -19.68
N GLY A 146 -0.53 14.43 -19.94
CA GLY A 146 -0.06 14.12 -21.27
C GLY A 146 -0.85 13.00 -21.94
N ASN A 147 -0.30 12.50 -23.04
CA ASN A 147 -0.59 11.18 -23.61
C ASN A 147 -1.99 11.05 -24.23
N ARG A 148 -2.71 12.26 -24.63
CA ARG A 148 -3.94 12.20 -25.43
C ARG A 148 -3.63 12.17 -26.92
N PRO A 149 -4.51 11.61 -27.75
CA PRO A 149 -4.26 11.60 -29.20
C PRO A 149 -4.12 13.01 -29.76
N LYS A 150 -3.09 13.20 -30.58
CA LYS A 150 -2.67 14.52 -31.03
C LYS A 150 -2.94 14.67 -32.52
N GLY A 151 -4.07 15.27 -32.87
CA GLY A 151 -4.32 15.67 -34.24
C GLY A 151 -4.63 17.16 -34.33
N ARG A 152 -5.10 17.72 -33.21
CA ARG A 152 -5.37 19.14 -33.05
C ARG A 152 -4.90 19.54 -31.67
N ASP A 153 -4.76 20.85 -31.46
CA ASP A 153 -4.30 21.36 -30.17
C ASP A 153 -5.20 20.90 -29.02
N ILE A 154 -4.58 20.62 -27.88
CA ILE A 154 -5.30 20.17 -26.71
C ILE A 154 -6.14 21.31 -26.15
N THR A 155 -7.40 21.03 -25.84
CA THR A 155 -8.34 22.03 -25.32
C THR A 155 -8.65 21.76 -23.86
N GLU A 156 -9.30 22.75 -23.22
CA GLU A 156 -9.78 22.56 -21.85
C GLU A 156 -10.68 21.34 -21.77
N ALA A 157 -11.58 21.18 -22.75
CA ALA A 157 -12.49 20.04 -22.73
C ALA A 157 -11.73 18.72 -22.82
N ASP A 158 -10.60 18.69 -23.55
CA ASP A 158 -9.83 17.45 -23.65
C ASP A 158 -9.32 17.01 -22.29
N LEU A 159 -8.89 17.96 -21.45
CA LEU A 159 -8.34 17.59 -20.15
C LEU A 159 -9.41 17.10 -19.19
N MET A 160 -10.68 17.34 -19.50
CA MET A 160 -11.77 16.89 -18.64
C MET A 160 -11.98 15.38 -18.74
N GLN A 161 -11.32 14.71 -19.68
CA GLN A 161 -11.29 13.25 -19.74
C GLN A 161 -9.86 12.77 -19.54
N PRO A 162 -9.67 11.57 -18.99
CA PRO A 162 -8.31 11.00 -18.85
C PRO A 162 -7.74 10.60 -20.21
N PRO A 163 -6.42 10.58 -20.36
CA PRO A 163 -5.84 10.05 -21.59
C PRO A 163 -6.18 8.59 -21.74
N PRO A 164 -6.21 8.08 -22.98
CA PRO A 164 -6.56 6.66 -23.19
C PRO A 164 -5.68 5.73 -22.38
N GLY A 165 -6.31 4.75 -21.73
CA GLY A 165 -5.60 3.81 -20.90
C GLY A 165 -5.18 4.33 -19.54
N PHE A 166 -5.60 5.52 -19.15
CA PHE A 166 -5.16 6.04 -17.86
C PHE A 166 -5.73 5.20 -16.71
N PRO A 167 -4.90 4.63 -15.84
CA PRO A 167 -5.42 3.77 -14.77
C PRO A 167 -6.21 4.55 -13.73
N GLY A 168 -7.45 4.87 -14.01
CA GLY A 168 -8.32 5.57 -13.08
C GLY A 168 -9.33 6.42 -13.83
N SER A 169 -10.29 6.96 -13.06
CA SER A 169 -11.35 7.77 -13.65
C SER A 169 -10.91 9.24 -13.77
N ALA A 170 -11.78 10.04 -14.39
CA ALA A 170 -11.48 11.45 -14.63
C ALA A 170 -11.20 12.21 -13.33
N ILE A 171 -10.18 13.06 -13.37
CA ILE A 171 -9.82 13.92 -12.26
C ILE A 171 -10.58 15.23 -12.41
N LYS A 172 -11.19 15.69 -11.32
CA LYS A 172 -11.93 16.96 -11.33
C LYS A 172 -10.99 18.16 -11.51
N LEU A 173 -11.35 19.08 -12.40
CA LEU A 173 -10.50 20.23 -12.73
C LEU A 173 -11.37 21.46 -12.92
N HIS A 174 -11.12 22.50 -12.12
CA HIS A 174 -11.95 23.69 -12.19
C HIS A 174 -11.59 24.54 -13.40
N SER A 175 -12.55 25.39 -13.81
CA SER A 175 -12.36 26.22 -15.00
C SER A 175 -11.08 27.04 -14.93
N HIS A 176 -10.77 27.62 -13.76
CA HIS A 176 -9.53 28.40 -13.66
C HIS A 176 -8.32 27.50 -13.84
N GLU A 177 -8.35 26.30 -13.24
CA GLU A 177 -7.25 25.36 -13.38
C GLU A 177 -7.12 24.87 -14.82
N LEU A 178 -8.25 24.62 -15.48
CA LEU A 178 -8.23 24.22 -16.89
C LEU A 178 -7.58 25.30 -17.75
N ARG A 179 -8.01 26.56 -17.58
CA ARG A 179 -7.39 27.68 -18.28
C ARG A 179 -5.87 27.71 -18.05
N PHE A 180 -5.44 27.65 -16.79
CA PHE A 180 -4.02 27.61 -16.49
C PHE A 180 -3.34 26.43 -17.19
N LEU A 181 -3.93 25.23 -17.09
CA LEU A 181 -3.30 24.03 -17.63
C LEU A 181 -3.11 24.13 -19.14
N ILE A 182 -4.12 24.63 -19.85
CA ILE A 182 -4.00 24.75 -21.30
C ILE A 182 -2.95 25.77 -21.69
N SER A 183 -2.92 26.92 -20.99
CA SER A 183 -1.93 27.94 -21.35
C SER A 183 -0.51 27.50 -21.02
N THR A 184 -0.34 26.54 -20.09
CA THR A 184 1.00 26.08 -19.74
C THR A 184 1.62 25.27 -20.86
N ARG A 185 0.78 24.61 -21.69
CA ARG A 185 1.29 23.81 -22.80
C ARG A 185 2.08 24.66 -23.80
N LYS A 186 1.77 25.95 -23.89
CA LYS A 186 2.48 26.82 -24.82
C LYS A 186 3.72 27.48 -24.20
N LEU A 187 4.08 27.17 -22.97
CA LEU A 187 5.10 27.97 -22.29
C LEU A 187 6.49 27.70 -22.88
N GLU A 188 7.16 28.77 -23.26
CA GLU A 188 8.56 28.73 -23.69
C GLU A 188 9.44 28.82 -22.45
N PHE A 189 10.43 27.93 -22.35
CA PHE A 189 11.21 27.83 -21.11
C PHE A 189 12.71 27.65 -21.41
N GLY A 190 13.42 28.77 -21.55
CA GLY A 190 14.84 28.73 -21.82
C GLY A 190 15.20 28.44 -23.27
N SER A 191 16.09 29.27 -23.82
CA SER A 191 16.70 29.07 -25.15
C SER A 191 15.66 28.85 -26.24
N GLY A 192 14.45 29.33 -26.03
CA GLY A 192 13.43 29.20 -27.04
C GLY A 192 12.82 27.81 -27.16
N VAL A 193 13.07 26.93 -26.19
CA VAL A 193 12.49 25.59 -26.20
C VAL A 193 11.16 25.61 -25.48
N LEU A 194 10.16 24.98 -26.08
CA LEU A 194 8.92 24.74 -25.36
C LEU A 194 9.22 23.92 -24.12
N PHE A 195 8.63 24.32 -22.99
CA PHE A 195 8.75 23.52 -21.77
C PHE A 195 8.44 22.04 -22.04
N LEU A 196 7.31 21.76 -22.70
CA LEU A 196 6.91 20.38 -22.92
C LEU A 196 7.95 19.60 -23.74
N ASP A 197 8.56 20.24 -24.73
CA ASP A 197 9.61 19.59 -25.51
C ASP A 197 10.86 19.36 -24.66
N ARG A 198 11.21 20.33 -23.82
CA ARG A 198 12.35 20.18 -22.92
C ARG A 198 12.20 18.92 -22.07
N LEU A 199 11.05 18.77 -21.42
CA LEU A 199 10.84 17.60 -20.57
C LEU A 199 10.78 16.32 -21.39
N SER A 200 10.10 16.34 -22.54
CA SER A 200 9.84 15.11 -23.27
C SER A 200 11.11 14.57 -23.93
N ILE A 201 11.98 15.46 -24.39
CA ILE A 201 13.28 15.05 -24.91
C ILE A 201 14.08 14.33 -23.82
N GLY A 202 14.09 14.88 -22.61
CA GLY A 202 14.72 14.18 -21.50
C GLY A 202 14.08 12.83 -21.22
N THR A 203 12.74 12.78 -21.24
CA THR A 203 12.07 11.52 -20.98
C THR A 203 12.47 10.47 -22.00
N ARG A 204 12.61 10.87 -23.27
CA ARG A 204 12.85 9.90 -24.34
C ARG A 204 14.31 9.47 -24.43
N LEU A 205 15.26 10.39 -24.23
CA LEU A 205 16.66 10.07 -24.50
C LEU A 205 17.43 9.57 -23.27
N SER A 206 16.91 9.79 -22.06
CA SER A 206 17.47 9.22 -20.85
C SER A 206 17.50 7.68 -20.91
N ASP A 207 18.27 7.08 -20.00
CA ASP A 207 18.25 5.63 -19.85
C ASP A 207 17.08 5.18 -18.98
N ALA A 208 16.65 6.02 -18.05
CA ALA A 208 15.45 5.74 -17.29
C ALA A 208 14.88 7.05 -16.77
N VAL A 209 13.57 7.07 -16.53
CA VAL A 209 12.92 8.16 -15.80
C VAL A 209 12.67 7.65 -14.38
N ALA A 210 12.78 8.54 -13.38
CA ALA A 210 12.53 8.16 -11.99
C ALA A 210 11.71 9.23 -11.27
N PHE A 211 10.92 8.77 -10.30
CA PHE A 211 10.15 9.65 -9.44
C PHE A 211 10.28 9.14 -8.02
N LYS A 212 10.07 10.04 -7.07
CA LYS A 212 9.72 9.66 -5.71
C LYS A 212 8.38 8.92 -5.70
N GLY A 213 8.25 7.95 -4.81
CA GLY A 213 6.97 7.26 -4.66
C GLY A 213 7.15 5.81 -4.27
N CYS A 214 6.02 5.16 -4.03
CA CYS A 214 5.99 3.75 -3.70
C CYS A 214 4.99 3.05 -4.61
N ARG A 215 5.17 1.73 -4.75
CA ARG A 215 4.40 0.96 -5.75
C ARG A 215 2.91 1.04 -5.45
N GLU A 216 2.54 1.06 -4.17
CA GLU A 216 1.15 1.05 -3.77
C GLU A 216 0.40 2.34 -4.14
N ILE A 217 1.09 3.48 -4.34
CA ILE A 217 0.40 4.73 -4.69
C ILE A 217 0.82 5.24 -6.06
N GLU A 218 2.12 5.45 -6.26
CA GLU A 218 2.62 5.96 -7.53
C GLU A 218 2.81 4.87 -8.58
N GLY A 219 2.93 3.61 -8.16
CA GLY A 219 3.18 2.48 -9.03
C GLY A 219 2.41 2.46 -10.34
N PRO A 220 1.07 2.53 -10.28
CA PRO A 220 0.27 2.41 -11.52
C PRO A 220 0.54 3.52 -12.52
N TYR A 221 0.84 4.73 -12.04
CA TYR A 221 1.15 5.84 -12.94
C TYR A 221 2.51 5.66 -13.58
N ALA A 222 3.50 5.22 -12.79
CA ALA A 222 4.78 4.80 -13.37
C ALA A 222 4.58 3.74 -14.45
N GLU A 223 3.81 2.68 -14.14
CA GLU A 223 3.59 1.58 -15.09
C GLU A 223 2.91 2.10 -16.36
N TYR A 224 1.87 2.91 -16.19
CA TYR A 224 1.21 3.56 -17.31
C TYR A 224 2.21 4.31 -18.19
N LEU A 225 3.08 5.12 -17.55
CA LEU A 225 4.04 5.90 -18.34
C LEU A 225 5.02 4.98 -19.05
N GLU A 226 5.46 3.91 -18.37
CA GLU A 226 6.35 2.96 -19.00
C GLU A 226 5.70 2.31 -20.20
N THR A 227 4.38 2.19 -20.14
CA THR A 227 3.62 1.67 -21.26
C THR A 227 3.58 2.67 -22.41
N VAL A 228 3.42 3.95 -22.10
CA VAL A 228 3.31 4.95 -23.15
C VAL A 228 4.66 5.14 -23.86
N TYR A 229 5.75 5.23 -23.10
CA TYR A 229 7.05 5.55 -23.68
C TYR A 229 7.92 4.33 -23.94
N GLY A 230 7.53 3.16 -23.45
CA GLY A 230 8.29 1.93 -23.68
C GLY A 230 9.72 1.95 -23.17
N LYS A 231 9.94 2.49 -21.97
CA LYS A 231 11.26 2.56 -21.36
C LYS A 231 11.09 2.62 -19.84
N PRO A 232 12.15 2.35 -19.08
CA PRO A 232 12.00 2.22 -17.61
C PRO A 232 11.59 3.53 -16.93
N PHE A 233 10.57 3.42 -16.08
CA PHE A 233 10.14 4.49 -15.18
C PHE A 233 10.25 3.94 -13.75
N LEU A 234 11.27 4.36 -13.00
CA LEU A 234 11.57 3.82 -11.66
C LEU A 234 10.94 4.66 -10.55
N LEU A 235 10.81 4.03 -9.38
CA LEU A 235 10.41 4.72 -8.16
C LEU A 235 11.56 4.64 -7.16
N SER A 236 11.95 5.80 -6.60
CA SER A 236 13.05 5.84 -5.65
C SER A 236 12.63 5.61 -4.19
N GLY A 237 11.33 5.44 -3.92
CA GLY A 237 10.86 5.30 -2.56
C GLY A 237 10.16 6.55 -2.09
N PRO A 238 9.42 6.46 -0.98
CA PRO A 238 8.68 7.64 -0.48
C PRO A 238 9.56 8.81 -0.01
N LEU A 239 10.86 8.63 0.20
CA LEU A 239 11.74 9.73 0.64
C LEU A 239 11.27 10.38 1.93
N LEU A 240 11.04 9.57 2.94
CA LEU A 240 10.56 10.12 4.19
C LEU A 240 11.65 10.96 4.86
N PRO A 241 11.27 11.97 5.65
CA PRO A 241 12.28 12.72 6.42
C PRO A 241 13.11 11.78 7.27
N GLU A 242 14.42 12.01 7.27
CA GLU A 242 15.27 11.26 8.17
C GLU A 242 14.96 11.67 9.61
N PRO A 243 15.05 10.74 10.56
CA PRO A 243 14.90 11.12 11.98
C PRO A 243 16.10 11.95 12.42
N SER A 244 15.85 13.20 12.81
CA SER A 244 16.90 14.14 13.17
C SER A 244 16.77 14.46 14.65
N ILE A 245 17.75 14.01 15.43
CA ILE A 245 17.80 14.31 16.85
C ILE A 245 18.07 15.81 17.01
N SER A 246 17.00 16.59 17.06
CA SER A 246 17.10 18.05 17.08
C SER A 246 16.17 18.59 18.16
N THR A 247 16.16 19.91 18.33
CA THR A 247 15.34 20.57 19.34
C THR A 247 14.52 21.68 18.70
N LEU A 248 13.21 21.63 18.89
CA LEU A 248 12.33 22.69 18.39
C LEU A 248 12.66 23.99 19.10
N GLU A 249 12.49 25.11 18.39
CA GLU A 249 12.78 26.41 18.98
C GLU A 249 11.94 26.62 20.23
N GLU A 250 12.60 27.02 21.32
CA GLU A 250 11.92 27.09 22.62
C GLU A 250 10.69 28.00 22.56
N LYS A 251 10.73 29.04 21.73
CA LYS A 251 9.54 29.87 21.55
C LYS A 251 8.33 29.02 21.17
N TRP A 252 8.57 27.92 20.45
CA TRP A 252 7.47 27.08 19.97
C TRP A 252 7.17 25.93 20.90
N VAL A 253 8.21 25.28 21.47
CA VAL A 253 7.92 24.21 22.41
C VAL A 253 7.14 24.76 23.60
N ALA A 254 7.37 26.02 23.95
CA ALA A 254 6.55 26.66 24.98
C ALA A 254 5.16 27.00 24.46
N TRP A 255 5.08 27.79 23.39
CA TRP A 255 3.80 28.23 22.85
C TRP A 255 2.90 27.03 22.52
N LEU A 256 3.45 26.04 21.80
CA LEU A 256 2.65 24.88 21.42
C LEU A 256 2.24 24.05 22.64
N GLY A 257 3.14 23.93 23.63
CA GLY A 257 2.83 23.14 24.81
C GLY A 257 1.70 23.68 25.65
N GLY A 258 1.31 24.94 25.43
CA GLY A 258 0.24 25.55 26.17
C GLY A 258 -1.12 25.45 25.51
N PHE A 259 -1.35 24.37 24.77
CA PHE A 259 -2.62 24.12 24.11
C PHE A 259 -2.98 22.65 24.24
N LYS A 260 -4.28 22.37 24.23
CA LYS A 260 -4.73 20.98 24.30
C LYS A 260 -4.25 20.23 23.06
N ALA A 261 -3.89 18.96 23.26
CA ALA A 261 -3.25 18.18 22.20
C ALA A 261 -4.15 18.06 20.98
N GLY A 262 -3.57 18.30 19.81
CA GLY A 262 -4.32 18.20 18.58
C GLY A 262 -5.24 19.35 18.29
N SER A 263 -5.01 20.53 18.88
CA SER A 263 -5.92 21.65 18.71
C SER A 263 -5.37 22.79 17.87
N VAL A 264 -4.10 22.75 17.49
CA VAL A 264 -3.46 23.86 16.78
C VAL A 264 -3.49 23.63 15.27
N ILE A 265 -3.75 24.70 14.52
CA ILE A 265 -3.73 24.72 13.07
C ILE A 265 -2.41 25.33 12.60
N TYR A 266 -1.54 24.51 12.02
CA TYR A 266 -0.34 25.01 11.34
C TYR A 266 -0.64 25.18 9.85
N CYS A 267 -0.29 26.35 9.31
CA CYS A 267 -0.62 26.70 7.93
C CYS A 267 0.62 27.26 7.23
N ALA A 268 1.22 26.44 6.37
CA ALA A 268 2.39 26.87 5.59
C ALA A 268 2.02 27.43 4.22
N TYR A 269 0.75 27.77 3.98
CA TYR A 269 0.37 28.36 2.70
C TYR A 269 0.92 29.79 2.60
N GLY A 270 1.57 30.09 1.48
CA GLY A 270 2.20 31.38 1.31
C GLY A 270 3.63 31.43 1.79
N SER A 271 4.22 30.29 2.11
CA SER A 271 5.59 30.23 2.58
C SER A 271 6.60 30.09 1.45
N GLU A 272 6.18 29.69 0.26
CA GLU A 272 7.13 29.54 -0.84
C GLU A 272 7.23 30.79 -1.69
N SER A 273 6.15 31.54 -1.79
CA SER A 273 6.03 32.63 -2.74
C SER A 273 5.01 33.60 -2.18
N PRO A 274 5.29 34.90 -2.21
CA PRO A 274 4.37 35.84 -1.54
C PRO A 274 3.01 35.87 -2.21
N LEU A 275 1.97 35.80 -1.40
CA LEU A 275 0.60 35.87 -1.87
C LEU A 275 0.22 37.31 -2.22
N GLN A 276 -0.73 37.45 -3.13
CA GLN A 276 -1.33 38.76 -3.33
C GLN A 276 -2.07 39.18 -2.05
N TYR A 277 -2.17 40.50 -1.85
CA TYR A 277 -2.65 41.01 -0.58
C TYR A 277 -4.05 40.51 -0.26
N ASN A 278 -4.96 40.57 -1.25
CA ASN A 278 -6.31 40.08 -1.04
C ASN A 278 -6.33 38.68 -0.43
N GLN A 279 -5.50 37.79 -0.96
CA GLN A 279 -5.52 36.39 -0.52
C GLN A 279 -4.84 36.21 0.84
N PHE A 280 -3.77 36.96 1.09
CA PHE A 280 -3.11 36.90 2.39
C PHE A 280 -4.09 37.27 3.50
N LEU A 281 -4.90 38.30 3.27
CA LEU A 281 -5.86 38.75 4.26
C LEU A 281 -6.97 37.73 4.47
N GLU A 282 -7.59 37.27 3.37
CA GLU A 282 -8.64 36.26 3.47
C GLU A 282 -8.14 35.01 4.17
N LEU A 283 -6.89 34.61 3.90
CA LEU A 283 -6.32 33.47 4.60
C LEU A 283 -6.21 33.73 6.09
N LEU A 284 -5.56 34.83 6.48
CA LEU A 284 -5.39 35.13 7.89
C LEU A 284 -6.73 35.39 8.57
N LEU A 285 -7.59 36.20 7.95
CA LEU A 285 -8.96 36.29 8.44
C LEU A 285 -9.64 34.92 8.45
N GLY A 286 -9.37 34.08 7.45
CA GLY A 286 -9.90 32.73 7.48
C GLY A 286 -9.53 31.97 8.75
N LEU A 287 -8.25 32.02 9.12
CA LEU A 287 -7.79 31.31 10.31
C LEU A 287 -8.49 31.82 11.57
N GLU A 288 -8.45 33.14 11.79
CA GLU A 288 -9.06 33.73 12.98
C GLU A 288 -10.53 33.34 13.11
N LEU A 289 -11.24 33.23 11.99
CA LEU A 289 -12.68 32.96 11.99
C LEU A 289 -13.01 31.52 12.40
N THR A 290 -12.02 30.66 12.60
CA THR A 290 -12.24 29.31 13.09
C THR A 290 -12.07 29.20 14.61
N GLY A 291 -11.62 30.26 15.27
CA GLY A 291 -11.50 30.25 16.72
C GLY A 291 -10.47 29.30 17.26
N PHE A 292 -9.86 28.50 16.38
CA PHE A 292 -8.85 27.57 16.83
C PHE A 292 -7.50 28.29 17.01
N PRO A 293 -6.62 27.73 17.83
CA PRO A 293 -5.22 28.20 17.82
C PRO A 293 -4.61 27.95 16.46
N PHE A 294 -3.82 28.91 15.98
CA PHE A 294 -3.20 28.73 14.67
C PHE A 294 -1.83 29.39 14.64
N LEU A 295 -0.91 28.76 13.91
CA LEU A 295 0.39 29.34 13.61
C LEU A 295 0.58 29.33 12.10
N ALA A 296 0.68 30.53 11.51
CA ALA A 296 0.76 30.72 10.07
C ALA A 296 2.20 31.10 9.71
N ALA A 297 2.91 30.20 9.04
CA ALA A 297 4.27 30.46 8.58
C ALA A 297 4.19 30.85 7.11
N LEU A 298 4.51 32.11 6.82
CA LEU A 298 4.34 32.63 5.48
C LEU A 298 5.21 33.85 5.28
N LYS A 299 5.53 34.12 4.01
CA LYS A 299 6.27 35.31 3.64
C LYS A 299 5.35 36.52 3.68
N PRO A 300 5.91 37.72 3.80
CA PRO A 300 5.09 38.91 3.66
C PRO A 300 4.49 38.97 2.27
N PRO A 301 3.31 39.58 2.13
CA PRO A 301 2.65 39.57 0.83
C PRO A 301 3.32 40.52 -0.14
N ALA A 302 2.90 40.43 -1.41
CA ALA A 302 3.46 41.26 -2.46
C ALA A 302 3.22 42.74 -2.18
N GLY A 303 4.30 43.52 -2.23
CA GLY A 303 4.24 44.91 -1.84
C GLY A 303 4.50 45.17 -0.37
N PHE A 304 4.99 44.18 0.36
CA PHE A 304 5.16 44.28 1.80
C PHE A 304 6.50 43.68 2.17
N GLU A 305 7.15 44.29 3.17
CA GLU A 305 8.46 43.85 3.63
C GLU A 305 8.42 43.07 4.94
N THR A 306 7.34 43.21 5.71
CA THR A 306 7.20 42.45 6.94
C THR A 306 5.80 41.86 7.02
N ILE A 307 5.67 40.84 7.88
CA ILE A 307 4.38 40.31 8.25
C ILE A 307 3.59 41.32 9.07
N GLU A 308 4.27 42.05 9.97
CA GLU A 308 3.56 42.98 10.84
C GLU A 308 2.97 44.14 10.05
N GLU A 309 3.72 44.67 9.07
CA GLU A 309 3.20 45.77 8.28
C GLU A 309 2.05 45.35 7.37
N ALA A 310 1.82 44.04 7.22
CA ALA A 310 0.74 43.57 6.37
C ALA A 310 -0.57 43.36 7.12
N LEU A 311 -0.48 43.03 8.41
CA LEU A 311 -1.63 42.48 9.13
C LEU A 311 -2.78 43.49 9.17
N PRO A 312 -4.02 43.04 9.00
CA PRO A 312 -5.16 43.95 9.10
C PRO A 312 -5.27 44.52 10.52
N GLU A 313 -5.54 45.82 10.60
CA GLU A 313 -5.57 46.48 11.90
C GLU A 313 -6.65 45.87 12.79
N GLY A 314 -6.28 45.57 14.03
CA GLY A 314 -7.11 44.85 14.95
C GLY A 314 -6.74 43.38 15.07
N PHE A 315 -6.17 42.81 14.01
CA PHE A 315 -5.92 41.36 13.96
C PHE A 315 -5.04 40.92 15.12
N ARG A 316 -3.87 41.54 15.28
CA ARG A 316 -2.92 41.10 16.30
C ARG A 316 -3.54 41.11 17.69
N GLU A 317 -4.46 42.05 17.94
CA GLU A 317 -5.15 42.07 19.22
C GLU A 317 -6.14 40.91 19.33
N ARG A 318 -7.01 40.76 18.34
CA ARG A 318 -8.10 39.79 18.44
C ARG A 318 -7.61 38.35 18.57
N VAL A 319 -6.35 38.06 18.20
CA VAL A 319 -5.86 36.68 18.21
C VAL A 319 -4.70 36.50 19.20
N GLU A 320 -4.59 37.39 20.19
CA GLU A 320 -3.45 37.41 21.12
C GLU A 320 -3.06 36.02 21.62
N GLY A 321 -4.02 35.29 22.19
CA GLY A 321 -3.74 33.94 22.62
C GLY A 321 -3.85 32.90 21.52
N ARG A 322 -4.90 33.00 20.70
CA ARG A 322 -5.17 32.03 19.64
C ARG A 322 -4.04 31.91 18.63
N GLY A 323 -3.84 32.93 17.81
CA GLY A 323 -3.01 32.80 16.63
C GLY A 323 -1.72 33.60 16.51
N ILE A 324 -0.83 33.14 15.62
CA ILE A 324 0.47 33.75 15.35
C ILE A 324 0.70 33.77 13.84
N ALA A 325 1.06 34.94 13.29
CA ALA A 325 1.49 35.07 11.90
C ALA A 325 2.98 35.39 11.91
N TYR A 326 3.81 34.43 11.48
CA TYR A 326 5.25 34.44 11.69
C TYR A 326 5.96 34.36 10.35
N GLY A 327 6.69 35.42 9.99
CA GLY A 327 7.38 35.51 8.73
C GLY A 327 8.80 34.97 8.74
N GLY A 328 9.24 34.36 9.83
CA GLY A 328 10.58 33.86 9.94
C GLY A 328 10.66 32.36 9.72
N TRP A 329 11.88 31.89 9.53
CA TRP A 329 12.10 30.47 9.25
C TRP A 329 11.59 29.60 10.39
N VAL A 330 10.90 28.50 10.03
CA VAL A 330 10.32 27.55 10.98
C VAL A 330 10.85 26.15 10.69
N GLN A 331 10.86 25.30 11.73
CA GLN A 331 11.20 23.88 11.60
C GLN A 331 9.90 23.10 11.39
N GLN A 332 9.48 22.99 10.14
CA GLN A 332 8.12 22.53 9.85
C GLN A 332 7.94 21.06 10.24
N GLN A 333 8.88 20.19 9.83
CA GLN A 333 8.82 18.78 10.22
C GLN A 333 8.61 18.65 11.72
N MET A 334 9.25 19.50 12.51
CA MET A 334 9.25 19.35 13.95
C MET A 334 8.00 19.93 14.59
N ILE A 335 7.49 21.03 14.05
CA ILE A 335 6.21 21.53 14.53
C ILE A 335 5.11 20.50 14.30
N LEU A 336 5.14 19.83 13.13
CA LEU A 336 4.12 18.84 12.81
C LEU A 336 4.22 17.61 13.71
N GLU A 337 5.43 17.28 14.18
CA GLU A 337 5.67 16.24 15.17
C GLU A 337 5.23 16.63 16.58
N HIS A 338 4.57 17.79 16.77
CA HIS A 338 4.19 18.21 18.11
C HIS A 338 2.76 17.78 18.42
N PRO A 339 2.55 17.05 19.51
CA PRO A 339 1.22 16.52 19.82
C PRO A 339 0.11 17.56 19.86
N SER A 340 0.46 18.85 19.94
CA SER A 340 -0.55 19.91 19.99
C SER A 340 -1.11 20.25 18.61
N VAL A 341 -0.31 20.07 17.56
CA VAL A 341 -0.78 20.36 16.20
C VAL A 341 -1.78 19.29 15.77
N GLY A 342 -2.92 19.73 15.24
CA GLY A 342 -3.92 18.80 14.78
C GLY A 342 -4.31 19.03 13.33
N CYS A 343 -3.93 20.17 12.77
CA CYS A 343 -4.32 20.51 11.42
C CYS A 343 -3.12 21.02 10.65
N PHE A 344 -3.09 20.73 9.35
CA PHE A 344 -2.01 21.16 8.47
C PHE A 344 -2.62 21.71 7.20
N ILE A 345 -2.48 23.01 6.97
CA ILE A 345 -2.84 23.63 5.70
C ILE A 345 -1.57 23.65 4.84
N THR A 346 -1.56 22.85 3.78
CA THR A 346 -0.42 22.70 2.88
C THR A 346 -0.72 23.35 1.53
N HIS A 347 0.34 23.82 0.87
CA HIS A 347 0.24 24.35 -0.48
C HIS A 347 0.34 23.25 -1.53
N CYS A 348 0.57 22.00 -1.10
CA CYS A 348 0.53 20.78 -1.89
C CYS A 348 1.80 20.55 -2.71
N GLY A 349 2.92 21.21 -2.39
CA GLY A 349 4.19 20.75 -2.92
C GLY A 349 4.53 19.36 -2.42
N ALA A 350 5.33 18.63 -3.21
CA ALA A 350 5.55 17.21 -2.94
C ALA A 350 6.20 16.97 -1.58
N ALA A 351 7.18 17.80 -1.19
CA ALA A 351 7.82 17.62 0.10
C ALA A 351 6.87 17.95 1.24
N SER A 352 6.06 18.99 1.06
CA SER A 352 5.04 19.33 2.04
C SER A 352 4.02 18.20 2.23
N ILE A 353 3.67 17.50 1.14
CA ILE A 353 2.64 16.47 1.23
C ILE A 353 3.16 15.26 1.99
N THR A 354 4.41 14.86 1.71
CA THR A 354 5.00 13.73 2.40
C THR A 354 5.09 13.97 3.90
N GLU A 355 5.43 15.21 4.28
CA GLU A 355 5.61 15.53 5.69
C GLU A 355 4.29 15.55 6.44
N GLY A 356 3.24 16.08 5.82
CA GLY A 356 1.91 16.00 6.42
C GLY A 356 1.40 14.57 6.51
N LEU A 357 1.69 13.76 5.48
CA LEU A 357 1.19 12.39 5.45
C LEU A 357 1.74 11.56 6.60
N VAL A 358 3.00 11.80 6.99
CA VAL A 358 3.63 10.90 7.96
C VAL A 358 3.42 11.39 9.40
N ASN A 359 2.63 12.43 9.58
CA ASN A 359 2.21 12.85 10.91
C ASN A 359 0.71 12.62 11.06
N THR A 360 0.19 12.98 12.24
CA THR A 360 -1.19 12.65 12.61
C THR A 360 -2.18 13.75 12.28
N CYS A 361 -1.70 14.97 12.12
CA CYS A 361 -2.55 16.11 11.86
C CYS A 361 -3.51 15.84 10.71
N GLN A 362 -4.69 16.46 10.77
CA GLN A 362 -5.60 16.49 9.63
C GLN A 362 -5.01 17.32 8.52
N LEU A 363 -5.37 16.97 7.29
CA LEU A 363 -4.79 17.59 6.09
C LEU A 363 -5.81 18.52 5.44
N VAL A 364 -5.45 19.80 5.32
CA VAL A 364 -6.21 20.77 4.55
C VAL A 364 -5.36 21.20 3.36
N LEU A 365 -5.93 21.11 2.16
CA LEU A 365 -5.20 21.23 0.91
C LEU A 365 -5.57 22.55 0.25
N LEU A 366 -4.62 23.46 0.18
CA LEU A 366 -4.81 24.76 -0.46
C LEU A 366 -3.73 24.85 -1.54
N PRO A 367 -3.97 24.25 -2.71
CA PRO A 367 -2.89 24.14 -3.70
C PRO A 367 -2.56 25.50 -4.31
N ARG A 368 -1.27 25.81 -4.33
CA ARG A 368 -0.78 26.98 -5.03
C ARG A 368 -0.76 26.65 -6.52
N LEU A 369 -1.26 27.57 -7.35
CA LEU A 369 -1.50 27.26 -8.75
C LEU A 369 -0.25 26.70 -9.44
N GLY A 370 -0.36 25.47 -9.91
CA GLY A 370 0.75 24.80 -10.59
C GLY A 370 0.27 23.40 -10.94
N SER A 371 0.91 22.83 -11.96
CA SER A 371 0.45 21.54 -12.47
C SER A 371 0.59 20.43 -11.42
N ASP A 372 1.79 20.25 -10.87
CA ASP A 372 1.95 19.18 -9.88
C ASP A 372 1.20 19.50 -8.58
N HIS A 373 1.03 20.79 -8.26
CA HIS A 373 0.30 21.18 -7.06
C HIS A 373 -1.18 20.82 -7.18
N ILE A 374 -1.81 21.16 -8.31
CA ILE A 374 -3.22 20.86 -8.49
C ILE A 374 -3.45 19.34 -8.45
N MET A 375 -2.61 18.60 -9.18
CA MET A 375 -2.76 17.15 -9.28
C MET A 375 -2.57 16.49 -7.92
N ASN A 376 -1.63 16.99 -7.11
CA ASN A 376 -1.43 16.46 -5.76
C ASN A 376 -2.67 16.67 -4.91
N ALA A 377 -3.24 17.87 -4.94
CA ALA A 377 -4.44 18.13 -4.15
C ALA A 377 -5.59 17.22 -4.58
N ARG A 378 -5.74 16.99 -5.89
CA ARG A 378 -6.78 16.07 -6.36
C ARG A 378 -6.48 14.65 -5.92
N LEU A 379 -5.22 14.23 -6.06
CA LEU A 379 -4.86 12.89 -5.62
C LEU A 379 -5.16 12.70 -4.14
N MET A 380 -4.81 13.69 -3.33
CA MET A 380 -4.95 13.56 -1.88
C MET A 380 -6.41 13.64 -1.45
N SER A 381 -7.20 14.48 -2.11
CA SER A 381 -8.56 14.79 -1.66
C SER A 381 -9.65 14.03 -2.40
N THR A 382 -9.44 13.59 -3.65
CA THR A 382 -10.49 12.83 -4.33
C THR A 382 -10.13 11.38 -4.61
N LYS A 383 -8.85 11.01 -4.64
CA LYS A 383 -8.52 9.61 -4.86
C LYS A 383 -8.22 8.93 -3.53
N LEU A 384 -7.11 9.29 -2.86
CA LEU A 384 -6.77 8.69 -1.58
C LEU A 384 -7.68 9.19 -0.46
N LYS A 385 -8.29 10.34 -0.64
CA LYS A 385 -9.19 10.98 0.32
C LYS A 385 -8.58 11.00 1.74
N VAL A 386 -7.42 11.68 1.85
CA VAL A 386 -6.72 11.84 3.12
C VAL A 386 -6.81 13.26 3.65
N GLY A 387 -7.49 14.17 2.95
CA GLY A 387 -7.62 15.54 3.43
C GLY A 387 -8.74 16.24 2.70
N VAL A 388 -9.03 17.46 3.13
CA VAL A 388 -10.08 18.29 2.53
C VAL A 388 -9.45 19.51 1.88
N GLU A 389 -9.91 19.84 0.68
CA GLU A 389 -9.44 21.04 -0.01
C GLU A 389 -10.22 22.27 0.43
N VAL A 390 -9.54 23.41 0.42
CA VAL A 390 -10.20 24.70 0.49
C VAL A 390 -10.78 25.02 -0.88
N GLU A 391 -12.05 25.39 -0.92
CA GLU A 391 -12.70 25.65 -2.20
C GLU A 391 -12.36 27.04 -2.70
N LYS A 392 -12.32 27.17 -4.03
CA LYS A 392 -11.94 28.41 -4.68
C LYS A 392 -12.99 28.76 -5.73
N GLY A 393 -13.05 30.03 -6.09
CA GLY A 393 -13.96 30.45 -7.14
C GLY A 393 -13.72 29.67 -8.43
N GLU A 394 -14.81 29.25 -9.07
CA GLU A 394 -14.68 28.34 -10.22
C GLU A 394 -13.89 28.97 -11.34
N GLU A 395 -14.06 30.27 -11.56
CA GLU A 395 -13.40 30.98 -12.64
C GLU A 395 -12.17 31.78 -12.20
N ASP A 396 -12.20 32.39 -11.02
CA ASP A 396 -11.09 33.24 -10.61
C ASP A 396 -10.08 32.57 -9.68
N GLY A 397 -10.36 31.36 -9.19
CA GLY A 397 -9.39 30.61 -8.42
C GLY A 397 -8.99 31.22 -7.08
N LEU A 398 -9.84 32.04 -6.47
CA LEU A 398 -9.51 32.65 -5.19
C LEU A 398 -10.30 32.00 -4.06
N PHE A 399 -9.65 31.84 -2.91
CA PHE A 399 -10.36 31.41 -1.73
C PHE A 399 -10.88 32.62 -0.95
N THR A 400 -11.63 32.34 0.12
CA THR A 400 -12.22 33.35 0.99
C THR A 400 -11.94 32.96 2.43
N LYS A 401 -12.16 33.89 3.36
CA LYS A 401 -12.06 33.53 4.76
C LYS A 401 -13.05 32.43 5.10
N GLU A 402 -14.24 32.49 4.50
CA GLU A 402 -15.24 31.46 4.72
C GLU A 402 -14.79 30.11 4.18
N SER A 403 -14.36 30.06 2.91
CA SER A 403 -13.90 28.79 2.34
C SER A 403 -12.69 28.24 3.08
N VAL A 404 -11.81 29.11 3.57
CA VAL A 404 -10.71 28.65 4.43
C VAL A 404 -11.25 28.10 5.75
N CYS A 405 -12.22 28.80 6.34
CA CYS A 405 -12.76 28.37 7.64
C CYS A 405 -13.45 27.01 7.52
N LYS A 406 -14.28 26.83 6.50
CA LYS A 406 -15.02 25.58 6.32
C LYS A 406 -14.09 24.37 6.32
N ALA A 407 -13.03 24.44 5.50
CA ALA A 407 -12.15 23.27 5.34
C ALA A 407 -11.52 22.86 6.67
N VAL A 408 -11.12 23.82 7.49
CA VAL A 408 -10.51 23.42 8.75
C VAL A 408 -11.58 23.06 9.77
N LYS A 409 -12.79 23.60 9.64
CA LYS A 409 -13.86 23.21 10.53
C LYS A 409 -14.32 21.78 10.23
N ILE A 410 -14.35 21.41 8.95
CA ILE A 410 -14.70 20.04 8.58
C ILE A 410 -13.73 19.06 9.22
N VAL A 411 -12.43 19.27 9.06
CA VAL A 411 -11.51 18.27 9.56
C VAL A 411 -11.36 18.32 11.08
N MET A 412 -11.63 19.47 11.70
CA MET A 412 -11.47 19.68 13.14
C MET A 412 -12.74 19.37 13.94
N ASP A 413 -13.76 18.84 13.29
CA ASP A 413 -15.02 18.49 13.95
C ASP A 413 -15.03 16.97 14.06
N GLU A 414 -14.69 16.46 15.24
CA GLU A 414 -14.54 15.01 15.43
C GLU A 414 -15.83 14.25 15.18
N GLU A 415 -16.94 14.95 14.91
CA GLU A 415 -18.24 14.36 14.59
C GLU A 415 -18.59 14.45 13.11
N ASN A 416 -17.88 15.28 12.35
CA ASN A 416 -18.11 15.35 10.90
C ASN A 416 -17.66 14.06 10.24
N GLU A 417 -18.49 13.54 9.32
CA GLU A 417 -18.19 12.24 8.74
C GLU A 417 -17.09 12.33 7.69
N ILE A 418 -16.94 13.47 7.02
CA ILE A 418 -15.79 13.67 6.16
C ILE A 418 -14.52 13.83 7.00
N GLY A 419 -14.60 14.54 8.12
CA GLY A 419 -13.47 14.62 9.02
C GLY A 419 -13.00 13.25 9.47
N ARG A 420 -13.93 12.39 9.86
CA ARG A 420 -13.56 11.04 10.26
C ARG A 420 -12.99 10.25 9.09
N GLU A 421 -13.55 10.45 7.89
CA GLU A 421 -13.09 9.67 6.75
C GLU A 421 -11.65 10.02 6.37
N VAL A 422 -11.34 11.32 6.28
CA VAL A 422 -10.01 11.71 5.82
C VAL A 422 -8.97 11.31 6.86
N ARG A 423 -9.31 11.41 8.14
CA ARG A 423 -8.39 10.95 9.19
C ARG A 423 -8.09 9.47 9.06
N ALA A 424 -9.11 8.65 8.73
CA ALA A 424 -8.90 7.21 8.67
C ALA A 424 -8.11 6.82 7.44
N ASN A 425 -8.39 7.45 6.29
CA ASN A 425 -7.60 7.18 5.10
C ASN A 425 -6.18 7.70 5.26
N HIS A 426 -6.02 8.91 5.81
CA HIS A 426 -4.71 9.39 6.23
C HIS A 426 -3.96 8.33 7.03
N THR A 427 -4.61 7.84 8.09
CA THR A 427 -3.97 6.86 8.96
C THR A 427 -3.51 5.64 8.19
N LYS A 428 -4.34 5.17 7.25
CA LYS A 428 -3.98 4.05 6.37
C LYS A 428 -2.71 4.35 5.58
N VAL A 429 -2.65 5.51 4.94
CA VAL A 429 -1.47 5.86 4.14
C VAL A 429 -0.24 6.04 5.03
N ARG A 430 -0.40 6.68 6.19
CA ARG A 430 0.70 6.79 7.15
C ARG A 430 1.23 5.42 7.58
N ASN A 431 0.32 4.49 7.88
CA ASN A 431 0.76 3.16 8.32
C ASN A 431 1.58 2.47 7.25
N LEU A 432 1.17 2.58 5.98
CA LEU A 432 1.97 2.02 4.90
C LEU A 432 3.34 2.71 4.81
N LEU A 433 3.37 4.05 4.76
CA LEU A 433 4.63 4.75 4.54
C LEU A 433 5.64 4.46 5.66
N LEU A 434 5.17 4.35 6.91
CA LEU A 434 6.06 4.08 8.04
C LEU A 434 6.24 2.59 8.29
N SER A 435 5.67 1.73 7.45
CA SER A 435 5.78 0.29 7.63
C SER A 435 7.25 -0.09 7.68
N ASN A 436 7.58 -1.27 8.21
CA ASN A 436 8.97 -1.48 8.57
C ASN A 436 9.88 -1.55 7.33
N ASN A 437 9.47 -2.24 6.29
CA ASN A 437 10.37 -2.46 5.17
C ASN A 437 10.24 -1.41 4.06
N LEU A 438 9.21 -0.56 4.09
CA LEU A 438 8.78 0.14 2.87
C LEU A 438 9.87 1.06 2.32
N GLU A 439 10.31 2.04 3.11
CA GLU A 439 11.28 3.00 2.57
C GLU A 439 12.59 2.32 2.19
N SER A 440 13.04 1.36 3.01
CA SER A 440 14.40 0.85 2.84
C SER A 440 14.51 -0.10 1.65
N SER A 441 13.51 -0.97 1.45
CA SER A 441 13.54 -1.85 0.29
C SER A 441 13.23 -1.12 -1.01
N CYS A 442 12.42 -0.06 -0.95
CA CYS A 442 12.25 0.79 -2.12
C CYS A 442 13.60 1.26 -2.65
N VAL A 443 14.43 1.81 -1.76
CA VAL A 443 15.73 2.37 -2.16
C VAL A 443 16.67 1.27 -2.63
N ASP A 444 16.71 0.14 -1.91
CA ASP A 444 17.56 -0.95 -2.34
C ASP A 444 17.13 -1.46 -3.72
N THR A 445 15.82 -1.56 -3.94
CA THR A 445 15.32 -1.97 -5.26
C THR A 445 15.70 -0.93 -6.31
N PHE A 446 15.52 0.34 -5.97
CA PHE A 446 15.95 1.42 -6.84
C PHE A 446 17.42 1.26 -7.20
N CYS A 447 18.27 0.95 -6.23
CA CYS A 447 19.71 0.81 -6.51
C CYS A 447 19.99 -0.41 -7.36
N ASP A 448 19.24 -1.50 -7.17
CA ASP A 448 19.32 -2.64 -8.08
C ASP A 448 19.03 -2.19 -9.51
N ARG A 449 17.95 -1.43 -9.70
CA ARG A 449 17.59 -0.97 -11.05
C ARG A 449 18.65 -0.03 -11.60
N LEU A 450 19.17 0.88 -10.77
CA LEU A 450 20.28 1.73 -11.21
C LEU A 450 21.47 0.89 -11.67
N ARG A 451 21.87 -0.09 -10.85
CA ARG A 451 22.98 -0.97 -11.23
C ARG A 451 22.66 -1.73 -12.51
N GLY A 452 21.39 -1.99 -12.78
CA GLY A 452 20.98 -2.67 -14.01
C GLY A 452 21.13 -1.82 -15.25
N LEU A 453 21.28 -0.51 -15.10
CA LEU A 453 21.45 0.35 -16.27
C LEU A 453 22.86 0.34 -16.82
N LEU A 454 23.83 -0.19 -16.07
CA LEU A 454 25.24 -0.08 -16.47
C LEU A 454 25.57 -1.01 -17.61
N ALA B 3 -23.01 7.04 10.79
CA ALA B 3 -22.58 5.65 11.00
C ALA B 3 -22.58 5.22 12.49
N PRO B 4 -23.77 4.88 13.03
CA PRO B 4 -23.83 4.48 14.46
C PRO B 4 -22.90 3.30 14.74
N LEU B 5 -22.31 3.30 15.93
CA LEU B 5 -21.25 2.37 16.25
C LEU B 5 -21.83 1.01 16.62
N LEU B 6 -21.19 -0.06 16.14
CA LEU B 6 -21.64 -1.43 16.42
C LEU B 6 -20.80 -2.09 17.53
N HIS B 7 -21.45 -2.99 18.27
CA HIS B 7 -20.76 -3.93 19.16
C HIS B 7 -20.96 -5.34 18.60
N ILE B 8 -19.85 -5.94 18.15
CA ILE B 8 -19.84 -7.25 17.51
C ILE B 8 -19.04 -8.22 18.37
N ALA B 9 -19.59 -9.41 18.60
CA ALA B 9 -18.85 -10.52 19.22
C ALA B 9 -18.35 -11.49 18.17
N MET B 10 -17.09 -11.86 18.25
CA MET B 10 -16.44 -12.78 17.33
C MET B 10 -16.32 -14.15 18.01
N PHE B 11 -16.86 -15.18 17.36
CA PHE B 11 -16.86 -16.54 17.89
C PHE B 11 -16.39 -17.52 16.82
N PRO B 12 -15.09 -17.51 16.49
CA PRO B 12 -14.58 -18.46 15.49
C PRO B 12 -14.32 -19.87 16.04
N TRP B 13 -14.39 -20.84 15.13
CA TRP B 13 -13.94 -22.21 15.34
C TRP B 13 -12.54 -22.25 15.95
N PHE B 14 -12.29 -23.27 16.79
CA PHE B 14 -11.08 -23.32 17.63
C PHE B 14 -9.86 -23.80 16.82
N ALA B 15 -9.43 -22.95 15.89
CA ALA B 15 -8.31 -23.31 15.03
C ALA B 15 -7.63 -22.02 14.61
N MET B 16 -6.29 -22.05 14.50
CA MET B 16 -5.56 -20.82 14.21
C MET B 16 -5.94 -20.29 12.83
N GLY B 17 -6.24 -21.19 11.88
CA GLY B 17 -6.66 -20.75 10.57
C GLY B 17 -7.98 -20.01 10.57
N HIS B 18 -8.76 -20.11 11.65
CA HIS B 18 -9.98 -19.33 11.77
C HIS B 18 -9.84 -18.15 12.72
N LEU B 19 -9.16 -18.33 13.86
CA LEU B 19 -8.98 -17.21 14.78
C LEU B 19 -8.27 -16.04 14.11
N THR B 20 -7.26 -16.32 13.29
CA THR B 20 -6.46 -15.25 12.70
C THR B 20 -7.29 -14.38 11.75
N PRO B 21 -7.96 -14.92 10.72
CA PRO B 21 -8.77 -14.05 9.86
C PRO B 21 -9.83 -13.30 10.62
N TYR B 22 -10.41 -13.93 11.65
CA TYR B 22 -11.43 -13.23 12.43
C TYR B 22 -10.83 -12.06 13.18
N LEU B 23 -9.61 -12.25 13.72
CA LEU B 23 -8.95 -11.15 14.42
C LEU B 23 -8.55 -10.06 13.43
N HIS B 24 -8.03 -10.47 12.26
CA HIS B 24 -7.72 -9.53 11.19
C HIS B 24 -8.92 -8.69 10.82
N LEU B 25 -10.08 -9.31 10.63
CA LEU B 25 -11.27 -8.52 10.30
C LEU B 25 -11.68 -7.65 11.48
N SER B 26 -11.57 -8.16 12.71
CA SER B 26 -11.89 -7.38 13.90
C SER B 26 -11.12 -6.06 13.91
N ASN B 27 -9.85 -6.10 13.49
CA ASN B 27 -9.02 -4.91 13.44
C ASN B 27 -9.57 -3.88 12.45
N LYS B 28 -9.94 -4.33 11.24
CA LYS B 28 -10.55 -3.39 10.29
C LYS B 28 -11.80 -2.74 10.88
N LEU B 29 -12.67 -3.54 11.51
CA LEU B 29 -13.87 -2.98 12.12
C LEU B 29 -13.52 -2.04 13.26
N ALA B 30 -12.52 -2.41 14.07
CA ALA B 30 -12.05 -1.53 15.13
C ALA B 30 -11.55 -0.21 14.57
N LYS B 31 -10.94 -0.21 13.38
CA LYS B 31 -10.53 1.04 12.74
C LYS B 31 -11.66 2.05 12.73
N ARG B 32 -12.88 1.59 12.43
CA ARG B 32 -14.06 2.41 12.27
C ARG B 32 -14.73 2.75 13.59
N GLY B 33 -14.15 2.34 14.71
CA GLY B 33 -14.71 2.65 16.01
C GLY B 33 -15.61 1.58 16.60
N HIS B 34 -15.78 0.46 15.92
CA HIS B 34 -16.70 -0.55 16.42
C HIS B 34 -16.04 -1.33 17.56
N LYS B 35 -16.85 -1.70 18.54
CA LYS B 35 -16.37 -2.49 19.67
C LYS B 35 -16.49 -3.98 19.33
N ILE B 36 -15.43 -4.72 19.65
CA ILE B 36 -15.32 -6.14 19.37
C ILE B 36 -15.04 -6.89 20.68
N SER B 37 -15.93 -7.82 21.03
CA SER B 37 -15.66 -8.81 22.08
C SER B 37 -15.21 -10.08 21.38
N PHE B 38 -13.93 -10.40 21.54
CA PHE B 38 -13.30 -11.46 20.75
C PHE B 38 -13.19 -12.71 21.62
N ILE B 39 -14.04 -13.70 21.35
CA ILE B 39 -14.08 -14.93 22.15
C ILE B 39 -12.99 -15.87 21.70
N VAL B 40 -12.16 -16.32 22.64
CA VAL B 40 -10.95 -17.11 22.37
C VAL B 40 -10.65 -18.10 23.50
N PRO B 41 -10.24 -19.34 23.21
CA PRO B 41 -9.82 -20.26 24.27
C PRO B 41 -8.72 -19.59 25.10
N LYS B 42 -8.81 -19.71 26.43
CA LYS B 42 -8.07 -18.78 27.31
C LYS B 42 -6.55 -18.85 27.10
N ARG B 43 -5.99 -20.04 26.88
CA ARG B 43 -4.54 -20.10 26.74
C ARG B 43 -4.08 -19.69 25.35
N THR B 44 -4.92 -19.89 24.34
CA THR B 44 -4.56 -19.47 22.99
C THR B 44 -4.50 -17.95 22.87
N GLN B 45 -5.11 -17.20 23.79
CA GLN B 45 -5.09 -15.75 23.67
C GLN B 45 -3.66 -15.20 23.65
N THR B 46 -2.73 -15.87 24.35
CA THR B 46 -1.33 -15.48 24.32
C THR B 46 -0.77 -15.50 22.90
N LYS B 47 -1.06 -16.59 22.19
CA LYS B 47 -0.59 -16.76 20.82
C LYS B 47 -1.19 -15.71 19.88
N LEU B 48 -2.31 -15.09 20.24
CA LEU B 48 -2.98 -14.16 19.35
C LEU B 48 -2.78 -12.71 19.74
N GLN B 49 -2.29 -12.45 20.96
CA GLN B 49 -2.39 -11.10 21.49
C GLN B 49 -1.63 -10.08 20.62
N HIS B 50 -0.52 -10.48 20.01
CA HIS B 50 0.24 -9.56 19.17
C HIS B 50 -0.47 -9.23 17.86
N LEU B 51 -1.55 -9.94 17.53
CA LEU B 51 -2.35 -9.66 16.35
C LEU B 51 -3.47 -8.68 16.63
N ASN B 52 -3.72 -8.34 17.90
CA ASN B 52 -4.71 -7.34 18.26
C ASN B 52 -4.06 -5.96 18.12
N LEU B 53 -4.49 -5.19 17.13
CA LEU B 53 -3.96 -3.85 16.88
C LEU B 53 -4.85 -2.73 17.44
N HIS B 54 -5.90 -3.09 18.17
CA HIS B 54 -6.77 -2.09 18.79
C HIS B 54 -7.16 -2.57 20.18
N PRO B 55 -6.20 -2.61 21.11
CA PRO B 55 -6.47 -3.10 22.47
C PRO B 55 -7.53 -2.32 23.20
N HIS B 56 -7.77 -1.07 22.81
CA HIS B 56 -8.89 -0.31 23.35
C HIS B 56 -10.22 -0.94 22.96
N LEU B 57 -10.46 -1.13 21.67
CA LEU B 57 -11.79 -1.53 21.19
C LEU B 57 -12.00 -3.04 21.06
N ILE B 58 -10.93 -3.80 20.89
CA ILE B 58 -10.98 -5.26 20.77
C ILE B 58 -10.57 -5.84 22.12
N THR B 59 -11.55 -6.37 22.85
CA THR B 59 -11.28 -7.01 24.13
C THR B 59 -11.32 -8.51 23.93
N PHE B 60 -10.26 -9.21 24.33
CA PHE B 60 -10.31 -10.66 24.29
C PHE B 60 -11.24 -11.16 25.39
N VAL B 61 -12.04 -12.16 25.08
CA VAL B 61 -12.99 -12.73 26.03
C VAL B 61 -12.59 -14.19 26.21
N PRO B 62 -11.72 -14.49 27.16
CA PRO B 62 -11.17 -15.86 27.27
C PRO B 62 -12.18 -16.83 27.85
N ILE B 63 -12.28 -17.99 27.23
CA ILE B 63 -13.21 -19.02 27.67
C ILE B 63 -12.40 -20.28 27.97
N THR B 64 -12.93 -21.10 28.86
CA THR B 64 -12.31 -22.37 29.21
C THR B 64 -12.88 -23.44 28.31
N VAL B 65 -12.01 -24.09 27.53
CA VAL B 65 -12.40 -25.18 26.66
C VAL B 65 -12.61 -26.42 27.53
N PRO B 66 -13.84 -26.88 27.72
CA PRO B 66 -14.07 -28.04 28.60
C PRO B 66 -13.28 -29.24 28.13
N HIS B 67 -12.93 -30.10 29.09
CA HIS B 67 -12.22 -31.32 28.76
C HIS B 67 -13.19 -32.37 28.26
N ILE B 68 -12.75 -33.14 27.28
CA ILE B 68 -13.55 -34.20 26.68
C ILE B 68 -12.70 -35.45 26.71
N ASP B 69 -13.27 -36.55 27.20
CA ASP B 69 -12.61 -37.86 27.17
C ASP B 69 -11.90 -38.04 25.84
N GLY B 70 -10.58 -38.20 25.89
CA GLY B 70 -9.77 -38.32 24.70
C GLY B 70 -8.92 -37.10 24.41
N LEU B 71 -9.24 -35.94 24.98
CA LEU B 71 -8.37 -34.82 24.61
C LEU B 71 -7.20 -34.72 25.59
N PRO B 72 -6.01 -34.39 25.08
CA PRO B 72 -4.90 -34.05 25.98
C PRO B 72 -5.33 -33.03 27.01
N HIS B 73 -4.70 -33.10 28.18
CA HIS B 73 -4.87 -32.08 29.21
C HIS B 73 -4.67 -30.69 28.61
N ASP B 74 -5.56 -29.77 28.97
CA ASP B 74 -5.49 -28.37 28.55
C ASP B 74 -5.61 -28.15 27.02
N ALA B 75 -6.03 -29.15 26.25
CA ALA B 75 -6.20 -28.98 24.81
C ALA B 75 -7.25 -27.90 24.49
N GLU B 76 -6.99 -27.10 23.45
CA GLU B 76 -7.89 -26.00 23.11
C GLU B 76 -8.25 -25.95 21.63
N THR B 77 -7.24 -26.03 20.77
CA THR B 77 -7.43 -25.81 19.35
C THR B 77 -6.93 -27.02 18.58
N THR B 78 -7.16 -26.97 17.26
CA THR B 78 -6.62 -28.02 16.39
C THR B 78 -5.10 -28.12 16.46
N SER B 79 -4.41 -27.06 16.93
CA SER B 79 -2.96 -27.12 17.07
C SER B 79 -2.51 -28.08 18.18
N ASP B 80 -3.42 -28.50 19.05
CA ASP B 80 -3.10 -29.28 20.23
C ASP B 80 -3.34 -30.78 20.06
N VAL B 81 -3.80 -31.24 18.91
CA VAL B 81 -4.19 -32.64 18.74
C VAL B 81 -3.87 -33.12 17.33
N PRO B 82 -3.74 -34.43 17.11
CA PRO B 82 -3.69 -34.94 15.75
C PRO B 82 -5.05 -34.82 15.08
N PHE B 83 -5.04 -34.88 13.75
CA PHE B 83 -6.27 -34.79 12.98
C PHE B 83 -7.34 -35.73 13.52
N SER B 84 -6.95 -36.94 13.90
CA SER B 84 -7.93 -37.91 14.39
C SER B 84 -8.74 -37.37 15.57
N LEU B 85 -8.27 -36.31 16.22
CA LEU B 85 -8.96 -35.73 17.37
C LEU B 85 -9.62 -34.38 17.09
N PHE B 86 -9.55 -33.86 15.85
CA PHE B 86 -10.24 -32.59 15.55
C PHE B 86 -11.70 -32.67 15.96
N THR B 87 -12.32 -33.84 15.78
CA THR B 87 -13.74 -33.97 16.07
C THR B 87 -14.05 -33.74 17.55
N LEU B 88 -13.11 -34.10 18.44
CA LEU B 88 -13.27 -33.84 19.87
C LEU B 88 -13.11 -32.34 20.19
N ILE B 89 -12.19 -31.67 19.49
CA ILE B 89 -12.13 -30.21 19.59
C ILE B 89 -13.50 -29.61 19.28
N ALA B 90 -14.14 -30.11 18.22
CA ALA B 90 -15.47 -29.65 17.86
C ALA B 90 -16.48 -29.97 18.97
N THR B 91 -16.33 -31.15 19.61
CA THR B 91 -17.26 -31.51 20.67
C THR B 91 -17.07 -30.63 21.91
N ALA B 92 -15.82 -30.29 22.24
CA ALA B 92 -15.59 -29.41 23.38
C ALA B 92 -16.15 -28.01 23.11
N MET B 93 -15.95 -27.51 21.88
CA MET B 93 -16.56 -26.26 21.46
C MET B 93 -18.07 -26.25 21.63
N ASP B 94 -18.75 -27.33 21.17
CA ASP B 94 -20.20 -27.44 21.37
C ASP B 94 -20.56 -27.39 22.86
N ARG B 95 -19.69 -27.94 23.72
CA ARG B 95 -19.95 -27.93 25.16
C ARG B 95 -19.78 -26.55 25.79
N THR B 96 -19.27 -25.55 25.06
CA THR B 96 -19.17 -24.21 25.65
C THR B 96 -20.48 -23.43 25.61
N GLU B 97 -21.55 -23.99 25.01
CA GLU B 97 -22.75 -23.19 24.72
C GLU B 97 -23.26 -22.45 25.96
N LYS B 98 -23.31 -23.12 27.10
CA LYS B 98 -23.85 -22.49 28.31
C LYS B 98 -22.99 -21.31 28.77
N ASP B 99 -21.66 -21.46 28.70
CA ASP B 99 -20.76 -20.34 28.98
C ASP B 99 -20.98 -19.20 27.99
N ILE B 100 -21.15 -19.54 26.70
CA ILE B 100 -21.39 -18.51 25.69
C ILE B 100 -22.66 -17.73 26.01
N GLU B 101 -23.74 -18.45 26.34
CA GLU B 101 -25.01 -17.80 26.65
C GLU B 101 -24.86 -16.76 27.75
N LEU B 102 -24.21 -17.14 28.86
CA LEU B 102 -23.97 -16.18 29.94
C LEU B 102 -23.13 -15.00 29.45
N LEU B 103 -22.08 -15.27 28.68
CA LEU B 103 -21.25 -14.17 28.20
C LEU B 103 -22.03 -13.24 27.27
N LEU B 104 -22.94 -13.77 26.44
CA LEU B 104 -23.74 -12.90 25.59
C LEU B 104 -24.73 -12.10 26.40
N ARG B 105 -25.29 -12.70 27.46
CA ARG B 105 -26.10 -11.91 28.36
C ARG B 105 -25.27 -10.80 29.03
N ASP B 106 -24.01 -11.08 29.36
CA ASP B 106 -23.17 -10.08 30.04
C ASP B 106 -22.84 -8.93 29.10
N LEU B 107 -22.42 -9.25 27.88
CA LEU B 107 -21.81 -8.27 27.00
C LEU B 107 -22.80 -7.66 26.03
N LYS B 108 -23.96 -8.27 25.80
CA LYS B 108 -25.00 -7.83 24.87
C LYS B 108 -24.45 -7.25 23.57
N PRO B 109 -23.64 -8.01 22.82
CA PRO B 109 -23.26 -7.55 21.49
C PRO B 109 -24.50 -7.38 20.61
N GLN B 110 -24.37 -6.58 19.57
CA GLN B 110 -25.53 -6.45 18.66
C GLN B 110 -25.57 -7.58 17.66
N ILE B 111 -24.38 -8.05 17.26
CA ILE B 111 -24.22 -9.15 16.31
C ILE B 111 -23.12 -10.07 16.81
N VAL B 112 -23.28 -11.37 16.53
CA VAL B 112 -22.28 -12.39 16.77
C VAL B 112 -21.88 -12.97 15.41
N PHE B 113 -20.59 -12.92 15.10
CA PHE B 113 -20.01 -13.66 13.97
C PHE B 113 -19.57 -15.05 14.44
N PHE B 114 -19.87 -16.08 13.65
CA PHE B 114 -19.62 -17.48 14.00
C PHE B 114 -19.46 -18.30 12.71
N ASP B 115 -18.87 -19.50 12.82
CA ASP B 115 -18.87 -20.37 11.65
C ASP B 115 -19.37 -21.78 11.94
N PHE B 116 -18.68 -22.53 12.81
CA PHE B 116 -18.95 -23.95 12.92
C PHE B 116 -19.96 -24.27 14.01
N GLN B 117 -20.46 -23.26 14.72
CA GLN B 117 -21.35 -23.49 15.87
C GLN B 117 -22.79 -23.43 15.36
N HIS B 118 -23.29 -24.58 14.92
CA HIS B 118 -24.63 -24.63 14.30
C HIS B 118 -25.72 -24.22 15.27
N TRP B 119 -25.48 -24.38 16.57
CA TRP B 119 -26.39 -24.00 17.63
C TRP B 119 -26.33 -22.52 17.98
N LEU B 120 -25.41 -21.77 17.41
CA LEU B 120 -25.33 -20.38 17.84
C LEU B 120 -26.49 -19.50 17.36
N PRO B 121 -26.95 -19.60 16.11
CA PRO B 121 -28.10 -18.76 15.71
C PRO B 121 -29.32 -18.90 16.61
N ASN B 122 -29.67 -20.10 17.05
CA ASN B 122 -30.80 -20.19 17.96
C ASN B 122 -30.51 -19.55 19.31
N LEU B 123 -29.26 -19.59 19.79
CA LEU B 123 -28.93 -18.92 21.05
C LEU B 123 -29.08 -17.40 20.91
N THR B 124 -28.41 -16.81 19.92
CA THR B 124 -28.51 -15.36 19.76
C THR B 124 -29.95 -14.92 19.48
N ARG B 125 -30.68 -15.70 18.65
CA ARG B 125 -32.10 -15.46 18.43
C ARG B 125 -32.86 -15.45 19.75
N SER B 126 -32.71 -16.53 20.54
CA SER B 126 -33.28 -16.56 21.89
C SER B 126 -32.97 -15.29 22.70
N LEU B 127 -31.78 -14.70 22.50
CA LEU B 127 -31.39 -13.51 23.28
C LEU B 127 -31.68 -12.20 22.57
N GLY B 128 -32.15 -12.23 21.32
CA GLY B 128 -32.39 -11.00 20.61
C GLY B 128 -31.21 -10.47 19.83
N ILE B 129 -30.18 -11.27 19.63
CA ILE B 129 -28.94 -10.85 18.99
C ILE B 129 -28.93 -11.41 17.57
N LYS B 130 -28.38 -10.67 16.64
CA LYS B 130 -28.30 -11.11 15.25
C LYS B 130 -27.05 -11.96 15.04
N SER B 131 -27.18 -12.98 14.18
CA SER B 131 -26.10 -13.90 13.87
C SER B 131 -25.66 -13.77 12.43
N VAL B 132 -24.34 -13.73 12.23
CA VAL B 132 -23.71 -13.65 10.94
C VAL B 132 -22.76 -14.83 10.85
N GLN B 133 -23.03 -15.75 9.96
CA GLN B 133 -22.11 -16.85 9.78
C GLN B 133 -20.98 -16.35 8.91
N TYR B 134 -19.85 -16.04 9.54
CA TYR B 134 -18.70 -15.53 8.81
C TYR B 134 -17.78 -16.70 8.45
N LEU B 135 -17.71 -17.02 7.16
CA LEU B 135 -16.98 -18.17 6.68
C LEU B 135 -15.65 -17.72 6.09
N ILE B 136 -14.62 -18.54 6.24
CA ILE B 136 -13.25 -18.21 5.83
C ILE B 136 -12.98 -18.70 4.41
N VAL B 137 -14.02 -19.15 3.70
CA VAL B 137 -13.85 -19.66 2.34
C VAL B 137 -14.14 -18.56 1.33
N ASN B 138 -13.69 -18.78 0.10
CA ASN B 138 -14.16 -17.95 -1.00
C ASN B 138 -15.64 -18.28 -1.26
N PRO B 139 -16.51 -17.29 -1.42
CA PRO B 139 -17.93 -17.61 -1.66
C PRO B 139 -18.18 -18.43 -2.93
N ILE B 140 -17.21 -18.49 -3.84
CA ILE B 140 -17.40 -19.34 -5.01
C ILE B 140 -17.55 -20.80 -4.62
N THR B 141 -17.01 -21.18 -3.44
CA THR B 141 -17.02 -22.58 -3.03
C THR B 141 -18.41 -23.06 -2.60
N PRO B 142 -19.09 -22.43 -1.63
CA PRO B 142 -20.48 -22.83 -1.37
C PRO B 142 -21.40 -22.55 -2.56
N ALA B 143 -21.13 -21.49 -3.32
CA ALA B 143 -21.96 -21.21 -4.49
C ALA B 143 -21.92 -22.38 -5.45
N TYR B 144 -20.74 -22.94 -5.68
CA TYR B 144 -20.59 -24.02 -6.64
C TYR B 144 -20.87 -25.40 -6.08
N LEU B 145 -20.70 -25.62 -4.77
CA LEU B 145 -20.72 -26.97 -4.19
C LEU B 145 -21.63 -27.14 -2.98
N GLY B 146 -22.36 -26.10 -2.56
CA GLY B 146 -23.17 -26.19 -1.35
C GLY B 146 -24.30 -27.22 -1.41
N ASP B 153 -26.58 -34.44 -0.66
CA ASP B 153 -26.20 -35.65 -1.35
C ASP B 153 -25.92 -35.40 -2.85
N ILE B 154 -24.79 -35.91 -3.34
CA ILE B 154 -24.27 -35.54 -4.67
C ILE B 154 -23.68 -36.75 -5.39
N THR B 155 -23.32 -36.52 -6.66
CA THR B 155 -22.69 -37.52 -7.52
C THR B 155 -21.77 -36.80 -8.52
N GLU B 156 -21.13 -37.59 -9.37
CA GLU B 156 -20.18 -37.04 -10.35
C GLU B 156 -20.83 -35.99 -11.26
N ALA B 157 -22.01 -36.30 -11.82
CA ALA B 157 -22.68 -35.36 -12.72
C ALA B 157 -23.08 -34.08 -11.99
N ASP B 158 -23.49 -34.19 -10.72
CA ASP B 158 -23.79 -33.01 -9.90
C ASP B 158 -22.61 -32.05 -9.88
N LEU B 159 -21.40 -32.59 -9.72
CA LEU B 159 -20.20 -31.78 -9.66
C LEU B 159 -19.73 -31.32 -11.03
N MET B 160 -20.13 -32.01 -12.11
CA MET B 160 -19.67 -31.65 -13.44
C MET B 160 -20.33 -30.40 -13.99
N GLN B 161 -21.34 -29.85 -13.33
CA GLN B 161 -22.04 -28.72 -13.90
C GLN B 161 -22.38 -27.68 -12.84
N PRO B 162 -22.44 -26.40 -13.22
CA PRO B 162 -22.76 -25.37 -12.24
C PRO B 162 -24.22 -25.44 -11.85
N PRO B 163 -24.56 -24.99 -10.65
CA PRO B 163 -25.97 -24.92 -10.24
C PRO B 163 -26.74 -23.98 -11.16
N PRO B 164 -28.07 -24.04 -11.17
CA PRO B 164 -28.85 -23.15 -12.04
C PRO B 164 -28.65 -21.69 -11.63
N GLY B 165 -28.38 -20.85 -12.62
CA GLY B 165 -28.13 -19.46 -12.36
C GLY B 165 -26.73 -19.12 -11.90
N PHE B 166 -25.81 -20.08 -11.86
CA PHE B 166 -24.46 -19.80 -11.36
C PHE B 166 -23.78 -18.75 -12.24
N PRO B 167 -23.24 -17.67 -11.66
CA PRO B 167 -22.64 -16.62 -12.49
C PRO B 167 -21.30 -17.04 -13.08
N GLY B 168 -21.29 -17.43 -14.35
CA GLY B 168 -20.06 -17.76 -15.02
C GLY B 168 -20.04 -19.21 -15.47
N SER B 169 -18.98 -19.53 -16.20
CA SER B 169 -18.85 -20.82 -16.83
C SER B 169 -18.54 -21.91 -15.79
N ALA B 170 -18.82 -23.15 -16.19
CA ALA B 170 -18.46 -24.31 -15.37
C ALA B 170 -17.00 -24.22 -14.95
N ILE B 171 -16.69 -24.87 -13.84
CA ILE B 171 -15.34 -24.92 -13.30
C ILE B 171 -14.84 -26.33 -13.51
N LYS B 172 -13.70 -26.46 -14.20
CA LYS B 172 -13.10 -27.76 -14.42
C LYS B 172 -12.73 -28.38 -13.09
N LEU B 173 -13.14 -29.64 -12.92
CA LEU B 173 -12.78 -30.46 -11.77
C LEU B 173 -12.17 -31.75 -12.31
N HIS B 174 -10.99 -32.11 -11.84
CA HIS B 174 -10.38 -33.34 -12.33
C HIS B 174 -11.09 -34.54 -11.72
N SER B 175 -10.94 -35.69 -12.38
CA SER B 175 -11.57 -36.92 -11.89
C SER B 175 -11.16 -37.24 -10.45
N HIS B 176 -9.86 -37.10 -10.13
CA HIS B 176 -9.46 -37.34 -8.74
C HIS B 176 -10.08 -36.34 -7.80
N GLU B 177 -10.35 -35.12 -8.27
CA GLU B 177 -11.00 -34.13 -7.41
C GLU B 177 -12.47 -34.49 -7.19
N LEU B 178 -13.14 -35.01 -8.22
CA LEU B 178 -14.50 -35.53 -8.05
C LEU B 178 -14.55 -36.61 -6.99
N ARG B 179 -13.59 -37.56 -7.06
CA ARG B 179 -13.54 -38.64 -6.08
C ARG B 179 -13.42 -38.07 -4.67
N PHE B 180 -12.52 -37.10 -4.47
CA PHE B 180 -12.30 -36.55 -3.14
C PHE B 180 -13.55 -35.89 -2.58
N LEU B 181 -14.17 -35.03 -3.38
CA LEU B 181 -15.33 -34.29 -2.89
C LEU B 181 -16.48 -35.23 -2.51
N ILE B 182 -16.67 -36.30 -3.28
CA ILE B 182 -17.82 -37.17 -3.03
C ILE B 182 -17.61 -37.98 -1.76
N SER B 183 -16.38 -38.43 -1.51
CA SER B 183 -16.13 -39.25 -0.34
C SER B 183 -16.16 -38.42 0.93
N THR B 184 -15.68 -37.18 0.88
CA THR B 184 -15.64 -36.37 2.10
C THR B 184 -17.00 -35.85 2.55
N ARG B 185 -18.08 -36.17 1.83
CA ARG B 185 -19.40 -35.68 2.22
C ARG B 185 -19.92 -36.32 3.51
N LYS B 186 -19.37 -37.45 3.94
CA LYS B 186 -19.84 -38.11 5.14
C LYS B 186 -18.94 -37.86 6.35
N LEU B 187 -18.17 -36.77 6.36
CA LEU B 187 -17.30 -36.51 7.48
C LEU B 187 -18.13 -36.06 8.69
N GLU B 188 -18.12 -36.84 9.76
CA GLU B 188 -18.66 -36.40 11.04
C GLU B 188 -17.65 -35.48 11.73
N PHE B 189 -18.15 -34.52 12.50
CA PHE B 189 -17.29 -33.47 13.04
C PHE B 189 -17.95 -32.92 14.30
N GLY B 190 -17.64 -33.55 15.43
CA GLY B 190 -18.12 -33.07 16.71
C GLY B 190 -19.55 -33.42 17.05
N SER B 191 -19.74 -33.98 18.26
CA SER B 191 -21.08 -34.26 18.81
C SER B 191 -21.89 -35.15 17.88
N GLY B 192 -21.22 -35.94 17.05
CA GLY B 192 -21.92 -36.82 16.13
C GLY B 192 -22.61 -36.13 14.99
N VAL B 193 -22.22 -34.88 14.69
CA VAL B 193 -22.86 -34.07 13.67
C VAL B 193 -22.03 -34.13 12.40
N LEU B 194 -22.69 -34.38 11.26
CA LEU B 194 -21.97 -34.31 9.99
C LEU B 194 -21.50 -32.89 9.72
N PHE B 195 -20.27 -32.78 9.23
CA PHE B 195 -19.69 -31.47 8.92
C PHE B 195 -20.61 -30.66 8.00
N LEU B 196 -21.10 -31.29 6.93
CA LEU B 196 -21.96 -30.56 6.00
C LEU B 196 -23.23 -30.09 6.69
N ASP B 197 -23.82 -30.93 7.54
CA ASP B 197 -24.99 -30.48 8.30
C ASP B 197 -24.64 -29.34 9.24
N ARG B 198 -23.56 -29.49 10.02
CA ARG B 198 -23.12 -28.44 10.93
C ARG B 198 -22.97 -27.11 10.21
N LEU B 199 -22.32 -27.12 9.04
CA LEU B 199 -22.17 -25.88 8.27
C LEU B 199 -23.51 -25.42 7.67
N SER B 200 -24.34 -26.35 7.16
CA SER B 200 -25.61 -25.97 6.52
C SER B 200 -26.59 -25.37 7.52
N ILE B 201 -26.71 -25.99 8.69
CA ILE B 201 -27.59 -25.46 9.71
C ILE B 201 -27.20 -24.04 10.08
N GLY B 202 -25.89 -23.77 10.21
CA GLY B 202 -25.46 -22.40 10.45
C GLY B 202 -25.86 -21.49 9.32
N THR B 203 -25.63 -21.92 8.07
CA THR B 203 -26.01 -21.11 6.93
C THR B 203 -27.50 -20.80 6.95
N ARG B 204 -28.33 -21.78 7.32
CA ARG B 204 -29.76 -21.61 7.17
C ARG B 204 -30.42 -20.87 8.33
N LEU B 205 -29.94 -21.04 9.56
CA LEU B 205 -30.60 -20.43 10.69
C LEU B 205 -30.03 -19.08 11.07
N SER B 206 -28.94 -18.68 10.43
CA SER B 206 -28.38 -17.35 10.65
C SER B 206 -29.24 -16.28 9.99
N ASP B 207 -29.04 -15.02 10.41
CA ASP B 207 -29.66 -13.86 9.78
C ASP B 207 -28.89 -13.41 8.55
N ALA B 208 -27.59 -13.67 8.49
CA ALA B 208 -26.81 -13.41 7.27
C ALA B 208 -25.57 -14.29 7.29
N VAL B 209 -24.94 -14.38 6.12
CA VAL B 209 -23.68 -15.08 5.92
C VAL B 209 -22.73 -14.06 5.34
N ALA B 210 -21.44 -14.16 5.69
CA ALA B 210 -20.47 -13.20 5.19
C ALA B 210 -19.19 -13.94 4.84
N PHE B 211 -18.39 -13.31 3.98
CA PHE B 211 -17.12 -13.84 3.50
C PHE B 211 -16.19 -12.67 3.31
N LYS B 212 -14.91 -12.99 3.21
CA LYS B 212 -13.94 -12.07 2.63
C LYS B 212 -14.14 -11.98 1.12
N GLY B 213 -13.99 -10.79 0.57
CA GLY B 213 -13.92 -10.62 -0.86
C GLY B 213 -14.28 -9.20 -1.28
N CYS B 214 -14.20 -8.97 -2.58
CA CYS B 214 -14.56 -7.67 -3.14
C CYS B 214 -15.60 -7.84 -4.25
N ARG B 215 -16.32 -6.74 -4.53
CA ARG B 215 -17.39 -6.76 -5.53
C ARG B 215 -16.91 -7.31 -6.88
N GLU B 216 -15.73 -6.88 -7.30
CA GLU B 216 -15.18 -7.20 -8.61
C GLU B 216 -14.78 -8.68 -8.76
N ILE B 217 -14.59 -9.41 -7.67
CA ILE B 217 -14.17 -10.81 -7.81
C ILE B 217 -15.22 -11.73 -7.19
N GLU B 218 -15.40 -11.63 -5.87
CA GLU B 218 -16.35 -12.48 -5.15
C GLU B 218 -17.79 -12.01 -5.32
N GLY B 219 -18.01 -10.74 -5.66
CA GLY B 219 -19.32 -10.12 -5.71
C GLY B 219 -20.43 -10.92 -6.39
N PRO B 220 -20.20 -11.42 -7.60
CA PRO B 220 -21.24 -12.24 -8.27
C PRO B 220 -21.63 -13.47 -7.48
N TYR B 221 -20.69 -14.07 -6.74
CA TYR B 221 -20.99 -15.30 -6.02
C TYR B 221 -21.85 -15.03 -4.80
N ALA B 222 -21.52 -13.98 -4.05
CA ALA B 222 -22.36 -13.57 -2.94
C ALA B 222 -23.77 -13.23 -3.42
N GLU B 223 -23.86 -12.40 -4.46
CA GLU B 223 -25.14 -12.05 -5.08
C GLU B 223 -25.94 -13.28 -5.41
N TYR B 224 -25.26 -14.26 -6.04
CA TYR B 224 -25.89 -15.51 -6.42
C TYR B 224 -26.43 -16.27 -5.21
N LEU B 225 -25.61 -16.41 -4.17
CA LEU B 225 -26.06 -17.09 -2.96
C LEU B 225 -27.21 -16.33 -2.31
N GLU B 226 -27.18 -15.00 -2.36
CA GLU B 226 -28.28 -14.18 -1.85
C GLU B 226 -29.61 -14.56 -2.47
N THR B 227 -29.57 -15.18 -3.65
CA THR B 227 -30.69 -15.63 -4.45
C THR B 227 -31.08 -17.08 -4.15
N VAL B 228 -30.09 -17.95 -3.91
CA VAL B 228 -30.39 -19.35 -3.61
C VAL B 228 -30.93 -19.51 -2.18
N TYR B 229 -30.49 -18.68 -1.24
CA TYR B 229 -30.91 -18.80 0.15
C TYR B 229 -31.92 -17.75 0.58
N GLY B 230 -32.06 -16.66 -0.15
CA GLY B 230 -33.03 -15.64 0.21
C GLY B 230 -32.69 -14.87 1.48
N LYS B 231 -31.42 -14.50 1.64
CA LYS B 231 -30.94 -13.83 2.85
C LYS B 231 -29.61 -13.16 2.52
N PRO B 232 -29.24 -12.11 3.23
CA PRO B 232 -28.01 -11.39 2.87
C PRO B 232 -26.78 -12.29 2.93
N PHE B 233 -25.99 -12.22 1.86
CA PHE B 233 -24.62 -12.74 1.82
C PHE B 233 -23.71 -11.51 1.63
N LEU B 234 -22.87 -11.22 2.64
CA LEU B 234 -22.12 -9.98 2.72
C LEU B 234 -20.65 -10.22 2.40
N LEU B 235 -20.01 -9.21 1.82
CA LEU B 235 -18.57 -9.25 1.59
C LEU B 235 -17.92 -8.28 2.55
N SER B 236 -16.85 -8.72 3.20
CA SER B 236 -16.24 -7.87 4.19
C SER B 236 -15.11 -7.01 3.63
N GLY B 237 -14.84 -7.12 2.34
CA GLY B 237 -13.62 -6.55 1.80
C GLY B 237 -12.60 -7.63 1.58
N PRO B 238 -11.53 -7.33 0.82
CA PRO B 238 -10.53 -8.35 0.51
C PRO B 238 -9.58 -8.65 1.66
N LEU B 239 -9.68 -7.92 2.78
CA LEU B 239 -8.91 -8.18 3.98
C LEU B 239 -7.42 -8.32 3.68
N LEU B 240 -6.86 -7.29 3.04
CA LEU B 240 -5.48 -7.39 2.63
C LEU B 240 -4.55 -7.36 3.85
N PRO B 241 -3.39 -8.00 3.78
CA PRO B 241 -2.46 -7.96 4.92
C PRO B 241 -2.14 -6.53 5.33
N GLU B 242 -2.09 -6.31 6.64
CA GLU B 242 -1.59 -5.05 7.17
C GLU B 242 -0.10 -4.90 6.83
N PRO B 243 0.37 -3.68 6.60
CA PRO B 243 1.80 -3.47 6.36
C PRO B 243 2.63 -4.08 7.49
N SER B 244 3.73 -4.72 7.10
CA SER B 244 4.60 -5.38 8.07
C SER B 244 5.19 -4.36 9.04
N ILE B 245 4.94 -4.57 10.33
CA ILE B 245 5.51 -3.72 11.38
C ILE B 245 6.72 -4.36 12.06
N SER B 246 6.95 -5.64 11.87
CA SER B 246 8.09 -6.29 12.48
C SER B 246 9.21 -6.52 11.47
N THR B 247 10.28 -7.12 11.95
CA THR B 247 11.49 -7.36 11.21
C THR B 247 11.64 -8.85 10.94
N LEU B 248 12.06 -9.18 9.73
CA LEU B 248 12.38 -10.55 9.38
C LEU B 248 13.48 -11.08 10.28
N GLU B 249 13.33 -12.32 10.74
CA GLU B 249 14.40 -12.94 11.52
C GLU B 249 15.74 -12.82 10.82
N GLU B 250 16.78 -12.56 11.62
CA GLU B 250 18.12 -12.30 11.09
C GLU B 250 18.58 -13.37 10.11
N LYS B 251 18.29 -14.64 10.41
CA LYS B 251 18.82 -15.73 9.60
C LYS B 251 18.30 -15.70 8.17
N TRP B 252 17.03 -15.31 7.99
CA TRP B 252 16.46 -15.21 6.65
C TRP B 252 16.89 -13.94 5.94
N VAL B 253 17.12 -12.84 6.68
CA VAL B 253 17.67 -11.62 6.10
C VAL B 253 19.01 -11.91 5.42
N ALA B 254 19.88 -12.64 6.11
CA ALA B 254 21.18 -12.96 5.54
C ALA B 254 21.05 -13.97 4.40
N TRP B 255 20.25 -15.02 4.61
CA TRP B 255 20.13 -16.07 3.60
C TRP B 255 19.47 -15.54 2.31
N LEU B 256 18.32 -14.87 2.44
CA LEU B 256 17.66 -14.33 1.26
C LEU B 256 18.51 -13.23 0.62
N GLY B 257 19.16 -12.39 1.45
CA GLY B 257 19.99 -11.32 0.91
C GLY B 257 21.06 -11.83 -0.03
N GLY B 258 21.68 -12.96 0.29
CA GLY B 258 22.71 -13.53 -0.57
C GLY B 258 22.19 -14.10 -1.88
N PHE B 259 21.11 -13.54 -2.41
CA PHE B 259 20.50 -14.04 -3.65
C PHE B 259 20.00 -12.90 -4.51
N LYS B 260 20.12 -13.08 -5.82
CA LYS B 260 19.61 -12.15 -6.83
C LYS B 260 18.15 -11.77 -6.55
N ALA B 261 17.79 -10.55 -6.94
CA ALA B 261 16.41 -10.10 -6.82
C ALA B 261 15.49 -10.97 -7.67
N GLY B 262 14.27 -11.16 -7.17
CA GLY B 262 13.24 -11.90 -7.88
C GLY B 262 13.60 -13.32 -8.28
N SER B 263 14.56 -13.94 -7.59
CA SER B 263 15.07 -15.24 -7.99
C SER B 263 14.59 -16.40 -7.12
N VAL B 264 14.42 -16.19 -5.81
CA VAL B 264 14.14 -17.29 -4.88
C VAL B 264 12.70 -17.78 -5.04
N ILE B 265 12.54 -19.10 -5.16
CA ILE B 265 11.21 -19.73 -5.10
C ILE B 265 10.87 -19.95 -3.63
N TYR B 266 9.76 -19.40 -3.18
CA TYR B 266 9.28 -19.70 -1.83
C TYR B 266 8.09 -20.63 -1.97
N CYS B 267 8.11 -21.72 -1.22
CA CYS B 267 7.12 -22.79 -1.31
C CYS B 267 6.55 -23.05 0.07
N ALA B 268 5.23 -22.95 0.19
CA ALA B 268 4.57 -23.32 1.44
C ALA B 268 3.69 -24.54 1.26
N TYR B 269 3.70 -25.18 0.09
CA TYR B 269 2.92 -26.41 -0.07
C TYR B 269 3.43 -27.51 0.86
N GLY B 270 2.54 -28.01 1.73
CA GLY B 270 2.91 -29.02 2.71
C GLY B 270 3.10 -28.49 4.11
N SER B 271 2.79 -27.21 4.35
CA SER B 271 3.07 -26.59 5.63
C SER B 271 1.93 -26.70 6.61
N GLU B 272 0.72 -27.04 6.14
CA GLU B 272 -0.41 -27.13 7.06
C GLU B 272 -0.72 -28.57 7.47
N SER B 273 -0.34 -29.55 6.67
CA SER B 273 -0.53 -30.94 7.06
C SER B 273 0.58 -31.78 6.44
N PRO B 274 1.10 -32.77 7.16
CA PRO B 274 2.14 -33.63 6.61
C PRO B 274 1.73 -34.20 5.27
N LEU B 275 2.65 -34.13 4.32
CA LEU B 275 2.50 -34.77 3.04
C LEU B 275 2.74 -36.28 3.16
N GLN B 276 2.24 -37.02 2.17
CA GLN B 276 2.68 -38.40 2.03
C GLN B 276 4.10 -38.39 1.47
N TYR B 277 4.93 -39.27 2.02
CA TYR B 277 6.37 -39.21 1.80
C TYR B 277 6.72 -39.09 0.32
N ASN B 278 6.06 -39.88 -0.54
CA ASN B 278 6.42 -39.89 -1.96
C ASN B 278 6.18 -38.53 -2.61
N GLN B 279 5.15 -37.80 -2.17
CA GLN B 279 4.91 -36.45 -2.69
C GLN B 279 5.76 -35.41 -1.96
N PHE B 280 6.09 -35.64 -0.70
CA PHE B 280 7.15 -34.88 -0.05
C PHE B 280 8.42 -34.89 -0.89
N LEU B 281 8.72 -36.02 -1.55
CA LEU B 281 9.97 -36.16 -2.28
C LEU B 281 9.89 -35.51 -3.66
N GLU B 282 8.84 -35.86 -4.43
CA GLU B 282 8.63 -35.30 -5.76
C GLU B 282 8.57 -33.78 -5.74
N LEU B 283 8.25 -33.20 -4.57
CA LEU B 283 8.21 -31.75 -4.43
C LEU B 283 9.60 -31.17 -4.24
N LEU B 284 10.37 -31.68 -3.27
CA LEU B 284 11.74 -31.20 -3.08
C LEU B 284 12.60 -31.53 -4.30
N LEU B 285 12.45 -32.73 -4.85
CA LEU B 285 13.19 -33.09 -6.05
C LEU B 285 12.80 -32.18 -7.20
N GLY B 286 11.54 -31.76 -7.27
CA GLY B 286 11.12 -30.86 -8.34
C GLY B 286 11.69 -29.47 -8.19
N LEU B 287 11.74 -28.96 -6.95
CA LEU B 287 12.41 -27.68 -6.69
C LEU B 287 13.89 -27.77 -7.04
N GLU B 288 14.56 -28.85 -6.60
CA GLU B 288 15.96 -29.05 -6.95
C GLU B 288 16.17 -29.01 -8.45
N LEU B 289 15.16 -29.42 -9.24
CA LEU B 289 15.32 -29.53 -10.68
C LEU B 289 15.16 -28.22 -11.42
N THR B 290 14.58 -27.18 -10.79
CA THR B 290 14.56 -25.88 -11.46
C THR B 290 15.93 -25.24 -11.45
N GLY B 291 16.74 -25.55 -10.43
CA GLY B 291 18.02 -24.89 -10.24
C GLY B 291 17.91 -23.49 -9.69
N PHE B 292 16.72 -22.91 -9.63
CA PHE B 292 16.55 -21.65 -8.93
C PHE B 292 16.68 -21.89 -7.42
N PRO B 293 17.13 -20.90 -6.67
CA PRO B 293 17.13 -21.04 -5.20
C PRO B 293 15.70 -21.21 -4.69
N PHE B 294 15.59 -21.91 -3.57
CA PHE B 294 14.26 -22.15 -3.03
C PHE B 294 14.30 -22.27 -1.52
N LEU B 295 13.20 -21.85 -0.91
CA LEU B 295 12.97 -22.05 0.51
C LEU B 295 11.59 -22.69 0.63
N ALA B 296 11.57 -23.93 1.10
CA ALA B 296 10.35 -24.72 1.27
C ALA B 296 10.07 -24.83 2.76
N ALA B 297 9.05 -24.12 3.21
CA ALA B 297 8.59 -24.19 4.58
C ALA B 297 7.46 -25.22 4.63
N LEU B 298 7.68 -26.29 5.39
CA LEU B 298 6.75 -27.42 5.35
C LEU B 298 7.00 -28.32 6.54
N LYS B 299 5.95 -29.03 6.93
CA LYS B 299 6.05 -29.99 8.00
C LYS B 299 6.76 -31.25 7.50
N PRO B 300 7.25 -32.10 8.39
CA PRO B 300 7.81 -33.38 7.95
C PRO B 300 6.72 -34.25 7.36
N PRO B 301 7.04 -35.10 6.39
CA PRO B 301 6.01 -35.97 5.79
C PRO B 301 5.39 -36.89 6.83
N ALA B 302 4.29 -37.53 6.44
CA ALA B 302 3.54 -38.38 7.35
C ALA B 302 4.42 -39.53 7.85
N GLY B 303 4.40 -39.75 9.16
CA GLY B 303 5.14 -40.84 9.77
C GLY B 303 6.56 -40.50 10.19
N PHE B 304 7.00 -39.27 9.97
CA PHE B 304 8.34 -38.83 10.33
C PHE B 304 8.25 -37.72 11.36
N GLU B 305 9.25 -37.65 12.24
CA GLU B 305 9.26 -36.59 13.26
C GLU B 305 10.08 -35.36 12.88
N THR B 306 10.95 -35.42 11.87
CA THR B 306 11.74 -34.28 11.43
C THR B 306 11.95 -34.34 9.92
N ILE B 307 12.18 -33.17 9.32
CA ILE B 307 12.46 -33.11 7.90
C ILE B 307 13.75 -33.84 7.56
N GLU B 308 14.77 -33.67 8.40
CA GLU B 308 16.10 -34.20 8.09
C GLU B 308 16.05 -35.70 7.80
N GLU B 309 15.36 -36.45 8.64
CA GLU B 309 15.33 -37.89 8.46
C GLU B 309 14.53 -38.34 7.25
N ALA B 310 13.73 -37.45 6.65
CA ALA B 310 12.92 -37.79 5.50
C ALA B 310 13.59 -37.43 4.18
N LEU B 311 14.73 -36.73 4.22
CA LEU B 311 15.34 -36.30 2.97
C LEU B 311 16.18 -37.43 2.37
N PRO B 312 16.32 -37.45 1.03
CA PRO B 312 17.25 -38.39 0.39
C PRO B 312 18.65 -38.34 0.99
N GLU B 313 19.50 -39.31 0.61
CA GLU B 313 20.75 -39.54 1.33
C GLU B 313 21.60 -38.28 1.43
N GLY B 314 21.74 -37.56 0.32
CA GLY B 314 22.60 -36.39 0.31
C GLY B 314 21.93 -35.15 -0.27
N PHE B 315 20.60 -35.20 -0.43
CA PHE B 315 19.86 -34.04 -0.92
C PHE B 315 20.24 -32.77 -0.15
N ARG B 316 20.30 -32.86 1.17
CA ARG B 316 20.63 -31.70 1.99
C ARG B 316 22.06 -31.21 1.79
N GLU B 317 22.84 -31.86 0.95
CA GLU B 317 24.16 -31.38 0.57
C GLU B 317 24.27 -31.02 -0.91
N ARG B 318 23.48 -31.63 -1.80
CA ARG B 318 23.47 -31.22 -3.20
C ARG B 318 22.91 -29.81 -3.39
N VAL B 319 22.09 -29.34 -2.45
CA VAL B 319 21.47 -28.03 -2.54
C VAL B 319 21.99 -27.09 -1.44
N GLU B 320 23.18 -27.39 -0.92
CA GLU B 320 23.78 -26.56 0.11
C GLU B 320 23.77 -25.08 -0.26
N GLY B 321 24.00 -24.76 -1.54
CA GLY B 321 24.08 -23.37 -1.95
C GLY B 321 22.80 -22.77 -2.48
N ARG B 322 21.84 -23.62 -2.86
CA ARG B 322 20.64 -23.20 -3.57
C ARG B 322 19.37 -23.24 -2.71
N GLY B 323 19.14 -24.34 -2.01
CA GLY B 323 17.85 -24.58 -1.40
C GLY B 323 17.93 -24.90 0.08
N ILE B 324 16.83 -24.60 0.78
CA ILE B 324 16.62 -24.97 2.16
C ILE B 324 15.24 -25.59 2.28
N ALA B 325 15.11 -26.56 3.19
CA ALA B 325 13.83 -27.16 3.53
C ALA B 325 13.69 -27.04 5.04
N TYR B 326 12.63 -26.34 5.49
CA TYR B 326 12.58 -25.81 6.83
C TYR B 326 11.24 -26.10 7.49
N GLY B 327 11.29 -26.50 8.76
CA GLY B 327 10.09 -26.94 9.44
C GLY B 327 9.67 -26.12 10.65
N GLY B 328 10.38 -25.01 10.92
CA GLY B 328 9.98 -24.13 12.00
C GLY B 328 8.97 -23.06 11.55
N TRP B 329 8.39 -22.40 12.54
CA TRP B 329 7.57 -21.21 12.30
C TRP B 329 8.36 -20.19 11.51
N VAL B 330 7.77 -19.67 10.42
CA VAL B 330 8.39 -18.58 9.66
C VAL B 330 7.39 -17.45 9.46
N GLN B 331 7.92 -16.27 9.12
CA GLN B 331 7.14 -15.05 8.94
C GLN B 331 6.83 -14.92 7.45
N GLN B 332 5.75 -15.59 7.03
CA GLN B 332 5.53 -15.83 5.61
C GLN B 332 5.34 -14.52 4.85
N GLN B 333 4.50 -13.63 5.37
CA GLN B 333 4.28 -12.38 4.66
C GLN B 333 5.59 -11.63 4.42
N MET B 334 6.55 -11.72 5.36
CA MET B 334 7.77 -10.95 5.20
C MET B 334 8.74 -11.59 4.21
N ILE B 335 8.69 -12.91 4.06
CA ILE B 335 9.47 -13.56 3.02
C ILE B 335 8.90 -13.24 1.64
N LEU B 336 7.58 -13.33 1.50
CA LEU B 336 6.92 -12.97 0.25
C LEU B 336 7.13 -11.51 -0.11
N GLU B 337 7.44 -10.65 0.87
CA GLU B 337 7.72 -9.24 0.59
C GLU B 337 9.19 -9.00 0.27
N HIS B 338 10.05 -9.97 0.52
CA HIS B 338 11.48 -9.74 0.30
C HIS B 338 11.77 -9.73 -1.20
N PRO B 339 12.64 -8.82 -1.66
CA PRO B 339 12.89 -8.70 -3.12
C PRO B 339 13.63 -9.88 -3.74
N SER B 340 14.27 -10.73 -2.95
CA SER B 340 14.83 -11.95 -3.53
C SER B 340 13.74 -12.86 -4.10
N VAL B 341 12.58 -12.92 -3.43
CA VAL B 341 11.57 -13.93 -3.73
C VAL B 341 10.87 -13.59 -5.03
N GLY B 342 10.95 -14.49 -6.00
CA GLY B 342 10.32 -14.29 -7.29
C GLY B 342 9.23 -15.29 -7.64
N CYS B 343 8.97 -16.30 -6.79
CA CYS B 343 7.93 -17.28 -7.07
C CYS B 343 7.33 -17.79 -5.77
N PHE B 344 6.03 -18.11 -5.81
CA PHE B 344 5.27 -18.56 -4.66
C PHE B 344 4.48 -19.80 -5.08
N ILE B 345 4.85 -20.97 -4.55
CA ILE B 345 4.04 -22.17 -4.67
C ILE B 345 3.17 -22.26 -3.41
N THR B 346 1.87 -22.16 -3.61
CA THR B 346 0.91 -22.11 -2.51
C THR B 346 -0.03 -23.30 -2.56
N HIS B 347 -0.43 -23.76 -1.38
CA HIS B 347 -1.43 -24.82 -1.27
C HIS B 347 -2.84 -24.31 -1.56
N CYS B 348 -3.00 -23.01 -1.84
CA CYS B 348 -4.24 -22.34 -2.26
C CYS B 348 -5.24 -22.12 -1.12
N GLY B 349 -4.79 -22.15 0.13
CA GLY B 349 -5.62 -21.63 1.21
C GLY B 349 -5.90 -20.14 1.05
N ALA B 350 -7.03 -19.71 1.59
CA ALA B 350 -7.55 -18.38 1.34
C ALA B 350 -6.54 -17.28 1.67
N ALA B 351 -5.97 -17.32 2.88
CA ALA B 351 -5.06 -16.28 3.34
C ALA B 351 -3.77 -16.26 2.52
N SER B 352 -3.21 -17.44 2.21
CA SER B 352 -2.04 -17.53 1.35
C SER B 352 -2.29 -16.89 0.00
N ILE B 353 -3.47 -17.15 -0.61
CA ILE B 353 -3.79 -16.59 -1.92
C ILE B 353 -3.75 -15.07 -1.86
N THR B 354 -4.39 -14.50 -0.83
CA THR B 354 -4.39 -13.05 -0.67
C THR B 354 -2.96 -12.51 -0.52
N GLU B 355 -2.14 -13.18 0.31
CA GLU B 355 -0.77 -12.69 0.49
C GLU B 355 0.00 -12.72 -0.83
N GLY B 356 -0.24 -13.75 -1.64
CA GLY B 356 0.42 -13.84 -2.93
C GLY B 356 -0.05 -12.78 -3.91
N LEU B 357 -1.35 -12.47 -3.91
CA LEU B 357 -1.88 -11.53 -4.90
C LEU B 357 -1.31 -10.14 -4.68
N VAL B 358 -1.15 -9.70 -3.42
CA VAL B 358 -0.72 -8.33 -3.18
C VAL B 358 0.78 -8.16 -3.32
N ASN B 359 1.52 -9.21 -3.68
CA ASN B 359 2.95 -9.13 -3.92
C ASN B 359 3.24 -9.35 -5.41
N THR B 360 4.52 -9.23 -5.79
CA THR B 360 4.93 -9.30 -7.20
C THR B 360 5.41 -10.67 -7.64
N CYS B 361 5.61 -11.61 -6.72
CA CYS B 361 6.01 -12.96 -7.07
C CYS B 361 5.04 -13.60 -8.05
N GLN B 362 5.57 -14.40 -8.97
CA GLN B 362 4.75 -15.28 -9.79
C GLN B 362 4.10 -16.36 -8.93
N LEU B 363 2.87 -16.70 -9.28
CA LEU B 363 2.06 -17.61 -8.46
C LEU B 363 2.00 -18.98 -9.10
N VAL B 364 2.43 -20.00 -8.35
CA VAL B 364 2.36 -21.40 -8.76
C VAL B 364 1.37 -22.08 -7.82
N LEU B 365 0.25 -22.53 -8.38
CA LEU B 365 -0.86 -23.04 -7.61
C LEU B 365 -0.75 -24.57 -7.54
N LEU B 366 -0.52 -25.11 -6.34
CA LEU B 366 -0.50 -26.55 -6.11
C LEU B 366 -1.50 -26.82 -4.98
N PRO B 367 -2.78 -27.00 -5.32
CA PRO B 367 -3.80 -27.09 -4.28
C PRO B 367 -3.71 -28.39 -3.49
N ARG B 368 -3.69 -28.26 -2.17
CA ARG B 368 -3.89 -29.40 -1.29
C ARG B 368 -5.39 -29.71 -1.26
N LEU B 369 -5.75 -30.96 -1.52
CA LEU B 369 -7.15 -31.34 -1.68
C LEU B 369 -8.03 -30.88 -0.51
N GLY B 370 -9.03 -30.06 -0.84
CA GLY B 370 -10.02 -29.51 0.05
C GLY B 370 -10.87 -28.64 -0.85
N SER B 371 -12.18 -28.50 -0.62
CA SER B 371 -13.01 -27.88 -1.65
C SER B 371 -12.62 -26.43 -1.90
N ASP B 372 -12.34 -25.65 -0.84
CA ASP B 372 -11.94 -24.25 -1.05
C ASP B 372 -10.59 -24.15 -1.76
N HIS B 373 -9.61 -24.99 -1.38
CA HIS B 373 -8.31 -24.99 -2.06
C HIS B 373 -8.49 -25.26 -3.55
N ILE B 374 -9.27 -26.29 -3.89
CA ILE B 374 -9.48 -26.64 -5.29
C ILE B 374 -10.12 -25.49 -6.03
N MET B 375 -11.19 -24.94 -5.45
CA MET B 375 -11.88 -23.79 -6.03
C MET B 375 -10.93 -22.60 -6.21
N ASN B 376 -10.11 -22.30 -5.19
CA ASN B 376 -9.16 -21.18 -5.33
C ASN B 376 -8.16 -21.45 -6.44
N ALA B 377 -7.66 -22.68 -6.54
CA ALA B 377 -6.78 -23.03 -7.66
C ALA B 377 -7.39 -22.67 -9.00
N ARG B 378 -8.69 -22.95 -9.20
CA ARG B 378 -9.34 -22.75 -10.49
C ARG B 378 -9.66 -21.28 -10.70
N LEU B 379 -10.13 -20.60 -9.65
CA LEU B 379 -10.37 -19.17 -9.76
C LEU B 379 -9.10 -18.44 -10.17
N MET B 380 -7.97 -18.79 -9.53
CA MET B 380 -6.72 -18.07 -9.80
C MET B 380 -6.13 -18.46 -11.15
N SER B 381 -6.22 -19.74 -11.54
CA SER B 381 -5.48 -20.19 -12.72
C SER B 381 -6.29 -20.12 -14.01
N THR B 382 -7.61 -20.22 -13.95
CA THR B 382 -8.41 -20.23 -15.16
C THR B 382 -9.40 -19.08 -15.27
N LYS B 383 -9.93 -18.56 -14.16
CA LYS B 383 -10.83 -17.42 -14.28
C LYS B 383 -10.05 -16.10 -14.26
N LEU B 384 -9.23 -15.87 -13.23
CA LEU B 384 -8.40 -14.66 -13.21
C LEU B 384 -7.09 -14.85 -13.98
N LYS B 385 -6.60 -16.08 -14.11
CA LYS B 385 -5.34 -16.39 -14.82
C LYS B 385 -4.16 -15.56 -14.29
N VAL B 386 -4.02 -15.54 -12.95
CA VAL B 386 -2.94 -14.84 -12.28
C VAL B 386 -1.83 -15.78 -11.85
N GLY B 387 -1.97 -17.07 -12.10
CA GLY B 387 -0.98 -18.05 -11.74
C GLY B 387 -1.18 -19.31 -12.55
N VAL B 388 -0.26 -20.26 -12.36
CA VAL B 388 -0.20 -21.47 -13.15
C VAL B 388 -0.25 -22.67 -12.20
N GLU B 389 -1.11 -23.64 -12.51
CA GLU B 389 -1.25 -24.81 -11.65
C GLU B 389 -0.19 -25.86 -11.94
N VAL B 390 0.27 -26.54 -10.89
CA VAL B 390 1.05 -27.77 -11.07
C VAL B 390 0.16 -28.87 -11.59
N GLU B 391 0.61 -29.57 -12.62
CA GLU B 391 -0.16 -30.65 -13.19
C GLU B 391 -0.12 -31.89 -12.32
N LYS B 392 -1.27 -32.54 -12.17
CA LYS B 392 -1.38 -33.80 -11.45
C LYS B 392 -1.95 -34.86 -12.38
N GLY B 393 -1.72 -36.11 -12.01
CA GLY B 393 -2.34 -37.22 -12.72
C GLY B 393 -3.85 -37.10 -12.66
N GLU B 394 -4.51 -37.21 -13.81
CA GLU B 394 -5.95 -36.99 -13.86
C GLU B 394 -6.68 -37.92 -12.90
N GLU B 395 -6.25 -39.18 -12.81
CA GLU B 395 -6.87 -40.17 -11.93
C GLU B 395 -6.20 -40.25 -10.56
N ASP B 396 -4.87 -40.35 -10.53
CA ASP B 396 -4.24 -40.59 -9.24
C ASP B 396 -4.02 -39.32 -8.44
N GLY B 397 -4.20 -38.16 -9.04
CA GLY B 397 -4.04 -36.92 -8.31
C GLY B 397 -2.66 -36.68 -7.77
N LEU B 398 -1.64 -37.28 -8.38
CA LEU B 398 -0.27 -37.08 -7.92
C LEU B 398 0.49 -36.23 -8.92
N PHE B 399 1.41 -35.41 -8.41
CA PHE B 399 2.35 -34.66 -9.23
C PHE B 399 3.72 -35.31 -9.19
N THR B 400 4.61 -34.83 -10.06
CA THR B 400 5.94 -35.36 -10.24
C THR B 400 6.96 -34.24 -10.11
N LYS B 401 8.22 -34.61 -9.88
CA LYS B 401 9.27 -33.60 -9.84
C LYS B 401 9.32 -32.81 -11.15
N GLU B 402 9.03 -33.47 -12.27
CA GLU B 402 8.99 -32.78 -13.54
C GLU B 402 7.89 -31.73 -13.57
N SER B 403 6.68 -32.14 -13.13
CA SER B 403 5.55 -31.22 -13.04
C SER B 403 5.88 -30.02 -12.18
N VAL B 404 6.46 -30.26 -11.01
CA VAL B 404 6.80 -29.15 -10.12
C VAL B 404 7.82 -28.25 -10.76
N CYS B 405 8.80 -28.84 -11.45
CA CYS B 405 9.83 -28.04 -12.10
C CYS B 405 9.27 -27.25 -13.28
N LYS B 406 8.45 -27.90 -14.09
CA LYS B 406 7.86 -27.24 -15.26
C LYS B 406 7.10 -25.98 -14.85
N ALA B 407 6.16 -26.12 -13.91
CA ALA B 407 5.34 -24.99 -13.50
C ALA B 407 6.20 -23.82 -13.04
N VAL B 408 7.22 -24.11 -12.23
CA VAL B 408 8.14 -23.06 -11.78
C VAL B 408 8.84 -22.44 -12.98
N LYS B 409 9.28 -23.28 -13.94
CA LYS B 409 10.05 -22.76 -15.07
C LYS B 409 9.19 -21.96 -16.03
N ILE B 410 7.88 -22.27 -16.11
CA ILE B 410 6.99 -21.50 -16.98
C ILE B 410 6.84 -20.07 -16.45
N VAL B 411 6.60 -19.92 -15.15
CA VAL B 411 6.37 -18.59 -14.60
C VAL B 411 7.66 -17.83 -14.36
N MET B 412 8.81 -18.49 -14.44
CA MET B 412 10.10 -17.84 -14.18
C MET B 412 10.83 -17.43 -15.46
N ASP B 413 10.61 -18.15 -16.57
CA ASP B 413 11.21 -17.81 -17.84
C ASP B 413 10.52 -16.56 -18.39
N GLU B 414 11.28 -15.46 -18.46
CA GLU B 414 10.72 -14.16 -18.84
C GLU B 414 10.30 -14.11 -20.30
N GLU B 415 10.70 -15.07 -21.11
CA GLU B 415 10.21 -15.17 -22.49
C GLU B 415 8.95 -16.01 -22.61
N ASN B 416 8.62 -16.80 -21.59
CA ASN B 416 7.48 -17.70 -21.68
C ASN B 416 6.21 -16.90 -21.86
N GLU B 417 5.46 -17.19 -22.92
CA GLU B 417 4.22 -16.46 -23.20
C GLU B 417 3.21 -16.62 -22.07
N ILE B 418 3.26 -17.74 -21.35
CA ILE B 418 2.33 -17.96 -20.26
C ILE B 418 2.82 -17.29 -18.98
N GLY B 419 4.12 -17.41 -18.70
CA GLY B 419 4.68 -16.69 -17.56
C GLY B 419 4.48 -15.19 -17.67
N ARG B 420 4.60 -14.64 -18.89
CA ARG B 420 4.36 -13.22 -19.11
C ARG B 420 2.90 -12.86 -18.91
N GLU B 421 1.99 -13.70 -19.41
CA GLU B 421 0.56 -13.45 -19.30
C GLU B 421 0.10 -13.40 -17.83
N VAL B 422 0.48 -14.41 -17.03
CA VAL B 422 -0.02 -14.42 -15.65
C VAL B 422 0.55 -13.24 -14.87
N ARG B 423 1.77 -12.81 -15.18
CA ARG B 423 2.34 -11.63 -14.51
C ARG B 423 1.46 -10.40 -14.72
N ALA B 424 0.98 -10.19 -15.95
CA ALA B 424 0.17 -9.03 -16.27
C ALA B 424 -1.20 -9.10 -15.60
N ASN B 425 -1.80 -10.30 -15.57
CA ASN B 425 -3.07 -10.47 -14.87
C ASN B 425 -2.88 -10.35 -13.36
N HIS B 426 -1.80 -10.95 -12.82
CA HIS B 426 -1.46 -10.73 -11.42
C HIS B 426 -1.31 -9.23 -11.14
N THR B 427 -0.52 -8.52 -11.94
CA THR B 427 -0.35 -7.08 -11.75
C THR B 427 -1.68 -6.34 -11.83
N LYS B 428 -2.57 -6.77 -12.74
CA LYS B 428 -3.88 -6.16 -12.87
C LYS B 428 -4.69 -6.35 -11.58
N VAL B 429 -4.78 -7.59 -11.09
CA VAL B 429 -5.53 -7.86 -9.87
C VAL B 429 -4.90 -7.15 -8.67
N ARG B 430 -3.57 -7.23 -8.53
CA ARG B 430 -2.89 -6.56 -7.43
C ARG B 430 -3.21 -5.06 -7.41
N ASN B 431 -3.20 -4.41 -8.58
CA ASN B 431 -3.47 -2.99 -8.64
C ASN B 431 -4.92 -2.67 -8.30
N LEU B 432 -5.86 -3.53 -8.72
CA LEU B 432 -7.26 -3.35 -8.33
C LEU B 432 -7.42 -3.45 -6.81
N LEU B 433 -6.82 -4.48 -6.21
CA LEU B 433 -6.97 -4.69 -4.78
C LEU B 433 -6.35 -3.53 -4.01
N LEU B 434 -5.25 -2.99 -4.52
CA LEU B 434 -4.58 -1.86 -3.89
C LEU B 434 -5.16 -0.51 -4.27
N SER B 435 -5.97 -0.42 -5.33
CA SER B 435 -6.48 0.89 -5.75
C SER B 435 -7.31 1.50 -4.62
N ASN B 436 -6.92 2.70 -4.17
CA ASN B 436 -7.21 3.08 -2.79
C ASN B 436 -8.68 3.42 -2.59
N ASN B 437 -9.10 3.31 -1.33
CA ASN B 437 -10.50 3.33 -0.91
C ASN B 437 -11.32 2.21 -1.55
N LEU B 438 -10.68 1.15 -2.05
CA LEU B 438 -11.44 -0.04 -2.44
C LEU B 438 -11.74 -0.90 -1.22
N GLU B 439 -10.68 -1.38 -0.55
CA GLU B 439 -10.86 -2.06 0.72
C GLU B 439 -11.65 -1.21 1.71
N SER B 440 -11.22 0.05 1.89
CA SER B 440 -11.92 0.95 2.82
C SER B 440 -13.40 1.08 2.48
N SER B 441 -13.72 1.35 1.20
CA SER B 441 -15.13 1.46 0.84
C SER B 441 -15.86 0.13 1.00
N CYS B 442 -15.18 -0.99 0.71
CA CYS B 442 -15.75 -2.31 0.99
C CYS B 442 -16.15 -2.47 2.46
N VAL B 443 -15.23 -2.15 3.38
CA VAL B 443 -15.53 -2.32 4.79
C VAL B 443 -16.66 -1.40 5.22
N ASP B 444 -16.61 -0.12 4.80
CA ASP B 444 -17.68 0.84 5.11
C ASP B 444 -19.03 0.35 4.59
N THR B 445 -19.04 -0.29 3.42
CA THR B 445 -20.29 -0.83 2.92
C THR B 445 -20.74 -2.03 3.75
N PHE B 446 -19.81 -2.93 4.06
CA PHE B 446 -20.08 -4.06 4.95
C PHE B 446 -20.77 -3.57 6.22
N CYS B 447 -20.22 -2.51 6.82
CA CYS B 447 -20.83 -1.95 8.03
C CYS B 447 -22.22 -1.39 7.78
N ASP B 448 -22.47 -0.81 6.60
CA ASP B 448 -23.82 -0.40 6.26
C ASP B 448 -24.79 -1.58 6.25
N ARG B 449 -24.39 -2.70 5.62
CA ARG B 449 -25.25 -3.88 5.61
C ARG B 449 -25.44 -4.46 7.01
N LEU B 450 -24.38 -4.45 7.84
CA LEU B 450 -24.51 -4.98 9.19
C LEU B 450 -25.56 -4.20 9.97
N ARG B 451 -25.54 -2.88 9.84
CA ARG B 451 -26.55 -2.06 10.50
C ARG B 451 -27.95 -2.45 10.04
N GLY B 452 -28.11 -2.67 8.74
CA GLY B 452 -29.41 -3.06 8.19
C GLY B 452 -29.94 -4.39 8.72
N LEU B 453 -29.10 -5.17 9.41
CA LEU B 453 -29.60 -6.39 10.01
C LEU B 453 -30.32 -6.14 11.33
N LEU B 454 -30.18 -4.96 11.93
CA LEU B 454 -30.68 -4.78 13.29
C LEU B 454 -32.17 -4.53 13.33
#